data_4KE3
#
_entry.id   4KE3
#
_cell.length_a   78.211
_cell.length_b   56.141
_cell.length_c   98.299
_cell.angle_alpha   90.000
_cell.angle_beta   91.350
_cell.angle_gamma   90.000
#
_symmetry.space_group_name_H-M   'P 1 21 1'
#
loop_
_entity.id
_entity.type
_entity.pdbx_description
1 polymer 'Glutathione S-transferase domain'
2 water water
#
_entity_poly.entity_id   1
_entity_poly.type   'polypeptide(L)'
_entity_poly.pdbx_seq_one_letter_code
;MHHHHHHSSGVDLGTENLYFQSMLQILGKPTSINVRKVLWTCAELGLAFEREDWGAGFRPTNVPEFLALNPNAMVPVIRD
GDFVLWESNSIIRYLAGRYGGEWLYPADARERARCDQWIDWQASELNRSWSYAFLALVRQSPAHRDAQQIEASRANWAKH
MAIVEGQLQRTGAFIAGDAFSLADIPIALSINRWLETPIARDDLPAVDAYMTRLASRDAYREYCRNGTP
;
_entity_poly.pdbx_strand_id   A,B,C,D
#
# COMPACT_ATOMS: atom_id res chain seq x y z
N MET A 23 5.46 -3.35 5.09
CA MET A 23 6.89 -3.18 4.71
C MET A 23 7.05 -2.41 3.38
N LEU A 24 8.28 -2.32 2.90
CA LEU A 24 8.59 -1.45 1.77
C LEU A 24 8.85 -2.34 0.55
N GLN A 25 8.09 -2.10 -0.51
CA GLN A 25 8.23 -2.91 -1.72
C GLN A 25 9.00 -2.11 -2.76
N ILE A 26 10.10 -2.67 -3.24
CA ILE A 26 10.85 -2.00 -4.29
C ILE A 26 10.64 -2.82 -5.57
N LEU A 27 10.04 -2.19 -6.56
CA LEU A 27 9.83 -2.82 -7.86
C LEU A 27 10.87 -2.36 -8.87
N GLY A 28 11.70 -3.28 -9.33
CA GLY A 28 12.65 -2.98 -10.39
C GLY A 28 13.88 -3.87 -10.34
N LYS A 29 14.35 -4.28 -11.52
CA LYS A 29 15.62 -5.01 -11.67
C LYS A 29 16.80 -4.31 -10.98
N PRO A 30 17.67 -5.09 -10.31
CA PRO A 30 18.76 -4.51 -9.51
C PRO A 30 19.90 -3.97 -10.38
N THR A 31 19.81 -4.19 -11.68
CA THR A 31 20.85 -3.72 -12.59
C THR A 31 20.61 -2.32 -13.08
N SER A 32 19.36 -1.82 -12.96
CA SER A 32 19.04 -0.48 -13.37
C SER A 32 19.67 0.55 -12.44
N ILE A 33 20.24 1.59 -13.03
CA ILE A 33 20.93 2.56 -12.26
C ILE A 33 19.93 3.35 -11.40
N ASN A 34 18.74 3.62 -11.94
CA ASN A 34 17.75 4.30 -11.11
C ASN A 34 17.20 3.44 -9.98
N VAL A 35 17.12 2.13 -10.21
CA VAL A 35 16.68 1.20 -9.19
C VAL A 35 17.76 1.16 -8.09
N ARG A 36 19.01 1.21 -8.52
CA ARG A 36 20.12 1.18 -7.53
C ARG A 36 20.19 2.43 -6.66
N LYS A 37 19.75 3.56 -7.19
CA LYS A 37 19.65 4.74 -6.34
C LYS A 37 18.76 4.43 -5.16
N VAL A 38 17.66 3.76 -5.43
CA VAL A 38 16.70 3.45 -4.36
C VAL A 38 17.25 2.39 -3.38
N LEU A 39 17.82 1.31 -3.90
CA LEU A 39 18.39 0.26 -3.04
C LEU A 39 19.48 0.85 -2.16
N TRP A 40 20.39 1.62 -2.75
CA TRP A 40 21.50 2.20 -1.97
C TRP A 40 20.92 3.08 -0.84
N THR A 41 19.92 3.89 -1.17
CA THR A 41 19.32 4.81 -0.19
C THR A 41 18.67 4.05 0.98
N CYS A 42 17.91 3.00 0.63
CA CYS A 42 17.32 2.11 1.63
C CYS A 42 18.42 1.55 2.53
N ALA A 43 19.50 1.06 1.94
CA ALA A 43 20.54 0.44 2.77
C ALA A 43 21.14 1.49 3.71
N GLU A 44 21.39 2.69 3.18
CA GLU A 44 22.01 3.75 3.97
C GLU A 44 21.12 4.14 5.17
N LEU A 45 19.82 4.20 4.92
CA LEU A 45 18.84 4.50 5.96
C LEU A 45 18.46 3.31 6.81
N GLY A 46 19.01 2.13 6.52
CA GLY A 46 18.70 0.95 7.30
C GLY A 46 17.26 0.47 7.18
N LEU A 47 16.65 0.68 6.02
CA LEU A 47 15.27 0.25 5.82
C LEU A 47 15.18 -1.15 5.30
N ALA A 48 14.27 -1.91 5.88
CA ALA A 48 13.99 -3.24 5.37
C ALA A 48 13.08 -3.12 4.16
N PHE A 49 13.34 -3.95 3.15
CA PHE A 49 12.54 -3.91 1.94
C PHE A 49 12.53 -5.25 1.27
N GLU A 50 11.59 -5.42 0.35
CA GLU A 50 11.53 -6.60 -0.49
C GLU A 50 11.57 -6.12 -1.90
N ARG A 51 12.26 -6.86 -2.75
CA ARG A 51 12.41 -6.42 -4.13
C ARG A 51 11.86 -7.44 -5.10
N GLU A 52 11.25 -6.93 -6.16
CA GLU A 52 10.80 -7.75 -7.31
C GLU A 52 11.43 -7.16 -8.60
N ASP A 53 11.97 -8.03 -9.46
CA ASP A 53 12.83 -7.61 -10.56
C ASP A 53 12.05 -7.18 -11.81
N TRP A 54 11.20 -6.19 -11.64
CA TRP A 54 10.40 -5.75 -12.76
C TRP A 54 11.29 -5.15 -13.86
N GLY A 55 10.88 -5.36 -15.10
CA GLY A 55 11.63 -4.94 -16.29
C GLY A 55 12.84 -5.67 -16.91
N ALA A 56 13.34 -6.85 -16.55
CA ALA A 56 12.70 -8.01 -15.95
C ALA A 56 12.87 -9.10 -16.98
N GLY A 57 13.33 -10.27 -16.58
CA GLY A 57 13.38 -11.36 -17.52
C GLY A 57 11.97 -11.60 -18.00
N PHE A 58 11.17 -12.27 -17.17
CA PHE A 58 9.76 -12.51 -17.47
C PHE A 58 8.86 -11.63 -16.61
N ARG A 59 9.35 -10.46 -16.24
CA ARG A 59 8.52 -9.50 -15.54
C ARG A 59 8.47 -8.19 -16.31
N PRO A 60 7.92 -8.19 -17.53
CA PRO A 60 7.83 -6.93 -18.27
C PRO A 60 6.89 -5.94 -17.58
N THR A 61 7.20 -4.65 -17.71
CA THR A 61 6.41 -3.62 -17.03
C THR A 61 5.14 -3.19 -17.78
N ASN A 62 5.05 -3.50 -19.07
CA ASN A 62 3.88 -3.05 -19.84
C ASN A 62 2.73 -4.01 -19.69
N VAL A 63 2.27 -4.20 -18.45
CA VAL A 63 1.15 -5.08 -18.17
C VAL A 63 0.22 -4.29 -17.23
N PRO A 64 -1.07 -4.62 -17.23
CA PRO A 64 -2.04 -3.83 -16.48
C PRO A 64 -1.68 -3.57 -15.00
N GLU A 65 -1.29 -4.59 -14.26
CA GLU A 65 -1.10 -4.43 -12.82
C GLU A 65 0.03 -3.47 -12.52
N PHE A 66 1.05 -3.44 -13.39
CA PHE A 66 2.18 -2.54 -13.16
C PHE A 66 1.86 -1.12 -13.64
N LEU A 67 1.17 -1.03 -14.77
CA LEU A 67 0.73 0.28 -15.30
C LEU A 67 -0.20 1.02 -14.34
N ALA A 68 -0.97 0.26 -13.56
CA ALA A 68 -1.80 0.85 -12.51
C ALA A 68 -0.95 1.54 -11.44
N LEU A 69 0.28 1.07 -11.25
CA LEU A 69 1.18 1.67 -10.27
C LEU A 69 2.01 2.81 -10.87
N ASN A 70 2.46 2.62 -12.09
CA ASN A 70 3.22 3.64 -12.81
C ASN A 70 2.88 3.55 -14.28
N PRO A 71 2.07 4.50 -14.77
CA PRO A 71 1.61 4.52 -16.16
C PRO A 71 2.76 4.76 -17.13
N ASN A 72 3.93 5.14 -16.63
CA ASN A 72 5.14 5.19 -17.47
C ASN A 72 5.76 3.83 -17.76
N ALA A 73 5.35 2.80 -17.02
CA ALA A 73 5.97 1.47 -17.17
C ALA A 73 7.50 1.49 -17.02
N MET A 74 8.00 2.27 -16.09
CA MET A 74 9.44 2.30 -15.84
C MET A 74 9.68 1.93 -14.39
N VAL A 75 10.89 1.47 -14.11
CA VAL A 75 11.30 1.22 -12.75
C VAL A 75 12.33 2.28 -12.39
N PRO A 76 12.46 2.58 -11.11
CA PRO A 76 11.74 1.94 -9.99
C PRO A 76 10.37 2.50 -9.66
N VAL A 77 9.63 1.71 -8.90
CA VAL A 77 8.41 2.16 -8.26
C VAL A 77 8.49 1.59 -6.89
N ILE A 78 8.04 2.34 -5.89
CA ILE A 78 7.96 1.78 -4.56
C ILE A 78 6.54 1.78 -4.08
N ARG A 79 6.27 0.87 -3.14
CA ARG A 79 5.03 0.84 -2.37
C ARG A 79 5.42 0.89 -0.91
N ASP A 80 5.05 1.97 -0.25
CA ASP A 80 5.23 2.11 1.17
C ASP A 80 3.82 2.05 1.81
N GLY A 81 3.41 0.86 2.27
CA GLY A 81 2.04 0.68 2.72
C GLY A 81 1.09 0.96 1.59
N ASP A 82 0.22 1.97 1.74
CA ASP A 82 -0.69 2.31 0.64
C ASP A 82 -0.10 3.40 -0.27
N PHE A 83 1.02 3.98 0.11
CA PHE A 83 1.63 5.04 -0.67
C PHE A 83 2.49 4.46 -1.80
N VAL A 84 2.12 4.78 -3.04
CA VAL A 84 2.89 4.38 -4.24
C VAL A 84 3.55 5.60 -4.87
N LEU A 85 4.82 5.42 -5.25
CA LEU A 85 5.65 6.51 -5.72
C LEU A 85 6.60 5.99 -6.80
N TRP A 86 6.78 6.78 -7.86
CA TRP A 86 7.77 6.48 -8.89
C TRP A 86 8.60 7.72 -9.12
N GLU A 87 9.63 7.56 -9.93
CA GLU A 87 10.66 8.54 -10.26
C GLU A 87 11.76 8.45 -9.22
N SER A 88 12.94 7.95 -9.62
CA SER A 88 13.94 7.53 -8.63
C SER A 88 14.39 8.64 -7.68
N ASN A 89 14.64 9.83 -8.20
CA ASN A 89 15.16 10.91 -7.35
C ASN A 89 14.06 11.41 -6.38
N SER A 90 12.79 11.31 -6.79
CA SER A 90 11.70 11.67 -5.89
C SER A 90 11.62 10.63 -4.79
N ILE A 91 11.81 9.37 -5.16
CA ILE A 91 11.74 8.29 -4.17
C ILE A 91 12.85 8.42 -3.10
N ILE A 92 14.08 8.74 -3.51
CA ILE A 92 15.17 8.74 -2.53
C ILE A 92 15.00 9.93 -1.60
N ARG A 93 14.47 11.02 -2.17
CA ARG A 93 14.11 12.19 -1.37
C ARG A 93 13.04 11.88 -0.31
N TYR A 94 12.02 11.13 -0.73
CA TYR A 94 10.94 10.70 0.14
C TYR A 94 11.43 9.81 1.29
N LEU A 95 12.28 8.83 0.98
CA LEU A 95 12.79 7.92 2.00
C LEU A 95 13.61 8.70 3.04
N ALA A 96 14.46 9.59 2.58
CA ALA A 96 15.29 10.42 3.45
C ALA A 96 14.43 11.39 4.26
N GLY A 97 13.36 11.90 3.69
CA GLY A 97 12.53 12.84 4.41
C GLY A 97 11.64 12.19 5.44
N ARG A 98 11.18 10.99 5.15
CA ARG A 98 10.22 10.32 6.02
C ARG A 98 10.85 9.39 7.06
N TYR A 99 11.99 8.79 6.72
CA TYR A 99 12.59 7.74 7.56
C TYR A 99 13.96 8.10 8.15
N GLY A 100 13.98 9.22 8.86
CA GLY A 100 15.13 9.55 9.69
C GLY A 100 16.39 9.94 8.92
N GLY A 101 16.20 10.67 7.83
CA GLY A 101 17.29 10.99 6.92
C GLY A 101 17.87 12.40 6.96
N GLU A 102 17.68 13.14 8.05
CA GLU A 102 18.29 14.48 8.20
C GLU A 102 19.81 14.43 7.98
N TRP A 103 20.46 13.37 8.45
CA TRP A 103 21.91 13.30 8.37
C TRP A 103 22.35 13.19 6.92
N LEU A 104 21.47 12.61 6.10
CA LEU A 104 21.76 12.32 4.69
C LEU A 104 21.23 13.46 3.74
N TYR A 105 20.12 14.08 4.15
CA TYR A 105 19.44 15.07 3.30
C TYR A 105 18.93 16.19 4.23
N PRO A 106 19.82 17.15 4.48
CA PRO A 106 19.56 18.09 5.58
C PRO A 106 18.40 19.01 5.28
N ALA A 107 17.75 19.53 6.31
CA ALA A 107 16.55 20.31 6.07
C ALA A 107 16.85 21.79 5.82
N ASP A 108 18.00 22.28 6.26
CA ASP A 108 18.36 23.69 6.01
C ASP A 108 18.24 23.95 4.52
N ALA A 109 17.59 25.05 4.10
CA ALA A 109 17.29 25.30 2.68
C ALA A 109 18.55 25.44 1.86
N ARG A 110 19.54 26.14 2.39
CA ARG A 110 20.81 26.29 1.68
C ARG A 110 21.55 24.95 1.55
N GLU A 111 21.69 24.23 2.65
CA GLU A 111 22.39 22.93 2.56
C GLU A 111 21.63 21.96 1.65
N ARG A 112 20.31 21.94 1.77
CA ARG A 112 19.49 21.08 0.90
C ARG A 112 19.69 21.45 -0.55
N ALA A 113 19.79 22.74 -0.84
CA ALA A 113 20.01 23.20 -2.22
C ALA A 113 21.35 22.75 -2.82
N ARG A 114 22.39 22.71 -2.00
CA ARG A 114 23.67 22.17 -2.49
C ARG A 114 23.53 20.70 -2.85
N CYS A 115 22.65 19.96 -2.15
CA CYS A 115 22.40 18.58 -2.53
C CYS A 115 21.53 18.47 -3.81
N ASP A 116 20.42 19.22 -3.81
CA ASP A 116 19.46 19.19 -4.88
C ASP A 116 20.11 19.47 -6.25
N GLN A 117 20.99 20.44 -6.25
CA GLN A 117 21.64 20.87 -7.50
C GLN A 117 22.26 19.66 -8.24
N TRP A 118 23.02 18.85 -7.52
CA TRP A 118 23.67 17.68 -8.12
C TRP A 118 22.67 16.54 -8.37
N ILE A 119 21.71 16.36 -7.47
CA ILE A 119 20.70 15.35 -7.71
C ILE A 119 19.92 15.65 -9.00
N ASP A 120 19.52 16.91 -9.16
CA ASP A 120 18.65 17.31 -10.24
C ASP A 120 19.44 17.37 -11.56
N TRP A 121 20.66 17.86 -11.49
CA TRP A 121 21.52 17.91 -12.69
C TRP A 121 21.90 16.53 -13.14
N GLN A 122 22.11 15.61 -12.19
CA GLN A 122 22.40 14.23 -12.56
C GLN A 122 21.30 13.66 -13.44
N ALA A 123 20.05 13.95 -13.09
CA ALA A 123 18.90 13.39 -13.80
C ALA A 123 18.51 14.11 -15.08
N SER A 124 18.78 15.40 -15.17
CA SER A 124 18.34 16.16 -16.34
C SER A 124 19.41 16.31 -17.41
N GLU A 125 20.67 16.28 -17.01
CA GLU A 125 21.79 16.50 -17.95
C GLU A 125 22.76 15.32 -18.03
N LEU A 126 23.24 14.84 -16.89
CA LEU A 126 24.32 13.83 -16.92
C LEU A 126 23.84 12.53 -17.59
N ASN A 127 22.71 12.06 -17.10
CA ASN A 127 22.12 10.82 -17.49
C ASN A 127 21.85 10.85 -18.97
N ARG A 128 21.35 11.99 -19.40
CA ARG A 128 21.02 12.22 -20.78
C ARG A 128 22.27 12.22 -21.65
N SER A 129 23.37 12.77 -21.14
CA SER A 129 24.57 12.89 -21.97
C SER A 129 25.16 11.54 -22.41
N TRP A 130 24.96 10.49 -21.62
CA TRP A 130 25.62 9.23 -21.89
C TRP A 130 24.82 8.26 -22.75
N SER A 131 23.61 8.62 -23.11
CA SER A 131 22.66 7.65 -23.60
C SER A 131 23.17 6.77 -24.75
N TYR A 132 23.59 7.40 -25.85
CA TYR A 132 23.91 6.67 -27.06
C TYR A 132 25.14 5.79 -26.87
N ALA A 133 26.15 6.33 -26.18
CA ALA A 133 27.40 5.60 -25.98
C ALA A 133 27.12 4.36 -25.12
N PHE A 134 26.34 4.57 -24.07
CA PHE A 134 26.08 3.50 -23.14
C PHE A 134 25.29 2.42 -23.84
N LEU A 135 24.27 2.84 -24.58
CA LEU A 135 23.40 1.88 -25.24
C LEU A 135 24.19 1.06 -26.24
N ALA A 136 25.11 1.70 -26.96
CA ALA A 136 25.84 1.03 -28.00
C ALA A 136 26.87 0.09 -27.39
N LEU A 137 27.62 0.61 -26.43
CA LEU A 137 28.85 -0.07 -26.00
C LEU A 137 28.65 -0.97 -24.81
N VAL A 138 27.55 -0.82 -24.08
CA VAL A 138 27.31 -1.69 -22.94
C VAL A 138 26.10 -2.57 -23.15
N ARG A 139 25.04 -1.98 -23.70
CA ARG A 139 23.85 -2.76 -23.99
C ARG A 139 24.05 -3.52 -25.27
N GLN A 140 24.96 -3.05 -26.11
CA GLN A 140 25.18 -3.65 -27.42
C GLN A 140 23.87 -3.65 -28.21
N SER A 141 23.16 -2.53 -28.14
CA SER A 141 21.85 -2.39 -28.75
C SER A 141 21.98 -2.23 -30.25
N PRO A 142 21.30 -3.10 -31.03
CA PRO A 142 21.28 -3.03 -32.49
C PRO A 142 20.89 -1.66 -33.02
N ALA A 143 20.08 -0.92 -32.28
CA ALA A 143 19.65 0.41 -32.73
C ALA A 143 20.83 1.39 -32.78
N HIS A 144 21.78 1.24 -31.86
CA HIS A 144 22.89 2.19 -31.74
C HIS A 144 24.21 1.57 -32.16
N ARG A 145 24.56 1.78 -33.43
CA ARG A 145 25.81 1.26 -33.97
C ARG A 145 26.54 2.33 -34.78
N ASP A 146 25.87 3.47 -34.97
CA ASP A 146 26.46 4.65 -35.60
C ASP A 146 27.59 5.21 -34.76
N ALA A 147 28.81 5.20 -35.30
CA ALA A 147 29.99 5.60 -34.52
C ALA A 147 30.09 7.12 -34.33
N GLN A 148 29.37 7.87 -35.15
CA GLN A 148 29.38 9.31 -35.01
C GLN A 148 28.56 9.75 -33.81
N GLN A 149 27.37 9.18 -33.66
CA GLN A 149 26.54 9.46 -32.50
C GLN A 149 27.18 8.88 -31.23
N ILE A 150 27.96 7.81 -31.38
CA ILE A 150 28.65 7.18 -30.25
C ILE A 150 29.72 8.12 -29.70
N GLU A 151 30.53 8.63 -30.61
CA GLU A 151 31.60 9.55 -30.26
C GLU A 151 31.05 10.89 -29.78
N ALA A 152 29.97 11.34 -30.39
CA ALA A 152 29.32 12.58 -29.98
C ALA A 152 28.80 12.47 -28.53
N SER A 153 28.13 11.37 -28.21
CA SER A 153 27.66 11.11 -26.83
C SER A 153 28.86 11.09 -25.86
N ARG A 154 29.94 10.40 -26.25
CA ARG A 154 31.10 10.27 -25.40
C ARG A 154 31.70 11.65 -25.08
N ALA A 155 31.80 12.49 -26.10
CA ALA A 155 32.38 13.82 -25.93
C ALA A 155 31.51 14.66 -25.02
N ASN A 156 30.21 14.56 -25.18
CA ASN A 156 29.31 15.33 -24.34
C ASN A 156 29.39 14.83 -22.88
N TRP A 157 29.41 13.51 -22.73
CA TRP A 157 29.51 12.87 -21.42
C TRP A 157 30.79 13.30 -20.71
N ALA A 158 31.91 13.36 -21.47
CA ALA A 158 33.21 13.75 -20.90
C ALA A 158 33.16 15.18 -20.37
N LYS A 159 32.48 16.07 -21.10
CA LYS A 159 32.29 17.45 -20.68
C LYS A 159 31.51 17.53 -19.36
N HIS A 160 30.49 16.72 -19.21
CA HIS A 160 29.76 16.72 -17.97
C HIS A 160 30.60 16.15 -16.84
N MET A 161 31.41 15.15 -17.16
CA MET A 161 32.31 14.57 -16.16
C MET A 161 33.40 15.56 -15.71
N ALA A 162 33.76 16.48 -16.58
CA ALA A 162 34.72 17.53 -16.22
C ALA A 162 34.13 18.45 -15.14
N ILE A 163 32.82 18.66 -15.18
CA ILE A 163 32.17 19.49 -14.21
C ILE A 163 32.24 18.78 -12.87
N VAL A 164 32.02 17.47 -12.88
CA VAL A 164 32.05 16.68 -11.65
C VAL A 164 33.45 16.76 -11.04
N GLU A 165 34.45 16.53 -11.88
CA GLU A 165 35.85 16.63 -11.45
C GLU A 165 36.10 18.01 -10.84
N GLY A 166 35.55 19.05 -11.46
CA GLY A 166 35.77 20.38 -10.95
C GLY A 166 35.20 20.59 -9.56
N GLN A 167 33.99 20.06 -9.33
CA GLN A 167 33.35 20.25 -8.04
C GLN A 167 34.15 19.49 -6.97
N LEU A 168 34.57 18.28 -7.30
CA LEU A 168 35.31 17.45 -6.34
C LEU A 168 36.72 17.97 -6.09
N GLN A 169 37.33 18.56 -7.10
CA GLN A 169 38.56 19.32 -6.84
C GLN A 169 38.29 20.41 -5.78
N ARG A 170 37.16 21.09 -5.88
CA ARG A 170 36.78 22.16 -4.94
C ARG A 170 36.49 21.67 -3.52
N THR A 171 35.69 20.60 -3.37
CA THR A 171 35.34 20.13 -2.02
C THR A 171 36.46 19.30 -1.42
N GLY A 172 37.21 18.59 -2.28
CA GLY A 172 38.19 17.63 -1.83
C GLY A 172 37.52 16.53 -1.00
N ALA A 173 36.20 16.44 -1.04
CA ALA A 173 35.49 15.49 -0.20
C ALA A 173 34.33 14.80 -0.93
N PHE A 174 33.13 15.37 -0.81
CA PHE A 174 31.95 14.79 -1.44
C PHE A 174 31.35 15.77 -2.44
N ILE A 175 30.37 15.33 -3.21
CA ILE A 175 29.93 16.16 -4.31
C ILE A 175 29.31 17.48 -3.80
N ALA A 176 28.58 17.45 -2.68
CA ALA A 176 27.94 18.68 -2.19
C ALA A 176 28.74 19.47 -1.14
N GLY A 177 29.91 18.98 -0.75
CA GLY A 177 30.60 19.59 0.38
C GLY A 177 31.33 18.59 1.25
N ASP A 178 31.49 18.87 2.53
CA ASP A 178 32.49 18.16 3.32
C ASP A 178 32.03 16.80 3.89
N ALA A 179 30.74 16.46 3.70
CA ALA A 179 30.17 15.22 4.22
C ALA A 179 29.38 14.47 3.20
N PHE A 180 29.23 13.15 3.43
CA PHE A 180 28.43 12.26 2.59
C PHE A 180 26.99 12.72 2.61
N SER A 181 26.32 12.73 1.46
CA SER A 181 24.96 13.24 1.41
C SER A 181 24.18 12.51 0.33
N LEU A 182 22.89 12.75 0.28
CA LEU A 182 22.00 12.10 -0.71
C LEU A 182 22.48 12.31 -2.14
N ALA A 183 23.09 13.46 -2.40
CA ALA A 183 23.59 13.78 -3.73
C ALA A 183 24.64 12.80 -4.22
N ASP A 184 25.42 12.26 -3.29
CA ASP A 184 26.47 11.33 -3.68
C ASP A 184 25.88 10.03 -4.26
N ILE A 185 24.62 9.74 -3.97
CA ILE A 185 24.09 8.48 -4.41
C ILE A 185 23.89 8.47 -5.93
N PRO A 186 23.15 9.48 -6.49
CA PRO A 186 23.06 9.55 -7.96
C PRO A 186 24.39 9.84 -8.64
N ILE A 187 25.25 10.60 -7.97
CA ILE A 187 26.49 11.04 -8.63
C ILE A 187 27.50 9.87 -8.66
N ALA A 188 27.68 9.15 -7.57
CA ALA A 188 28.62 8.03 -7.56
C ALA A 188 28.13 6.90 -8.48
N LEU A 189 26.82 6.65 -8.51
CA LEU A 189 26.24 5.65 -9.43
C LEU A 189 26.55 6.09 -10.85
N SER A 190 26.47 7.39 -11.12
CA SER A 190 26.83 7.88 -12.45
C SER A 190 28.30 7.71 -12.80
N ILE A 191 29.17 8.04 -11.86
CA ILE A 191 30.60 7.85 -12.07
C ILE A 191 30.92 6.40 -12.31
N ASN A 192 30.32 5.50 -11.54
CA ASN A 192 30.51 4.09 -11.76
C ASN A 192 30.19 3.66 -13.20
N ARG A 193 29.11 4.21 -13.77
CA ARG A 193 28.74 3.90 -15.16
C ARG A 193 29.85 4.35 -16.10
N TRP A 194 30.37 5.54 -15.83
CA TRP A 194 31.46 6.10 -16.62
C TRP A 194 32.66 5.16 -16.57
N LEU A 195 33.04 4.71 -15.38
CA LEU A 195 34.26 3.92 -15.22
C LEU A 195 34.12 2.53 -15.82
N GLU A 196 32.88 2.04 -15.92
CA GLU A 196 32.65 0.66 -16.35
C GLU A 196 32.20 0.53 -17.79
N THR A 197 32.08 1.66 -18.48
CA THR A 197 31.76 1.67 -19.88
C THR A 197 33.07 1.70 -20.67
N PRO A 198 33.21 0.81 -21.69
CA PRO A 198 34.43 0.70 -22.51
C PRO A 198 34.63 1.87 -23.45
N ILE A 199 34.92 3.03 -22.88
CA ILE A 199 35.21 4.24 -23.64
C ILE A 199 36.53 4.84 -23.22
N ALA A 200 37.02 5.76 -24.04
CA ALA A 200 38.22 6.51 -23.71
C ALA A 200 37.85 7.56 -22.67
N ARG A 201 38.68 7.69 -21.65
CA ARG A 201 38.38 8.64 -20.56
C ARG A 201 39.61 9.43 -20.19
N ASP A 202 39.48 10.73 -20.03
CA ASP A 202 40.54 11.53 -19.39
C ASP A 202 40.87 11.04 -17.98
N ASP A 203 42.04 11.37 -17.49
CA ASP A 203 42.35 11.07 -16.12
C ASP A 203 41.72 12.18 -15.30
N LEU A 204 40.88 11.77 -14.36
CA LEU A 204 40.14 12.68 -13.51
C LEU A 204 40.44 12.29 -12.08
N PRO A 205 41.48 12.90 -11.51
CA PRO A 205 42.03 12.41 -10.23
C PRO A 205 41.14 12.65 -9.03
N ALA A 206 40.36 13.73 -9.00
CA ALA A 206 39.50 13.98 -7.84
C ALA A 206 38.37 12.94 -7.84
N VAL A 207 37.87 12.63 -9.03
CA VAL A 207 36.89 11.56 -9.20
C VAL A 207 37.44 10.26 -8.66
N ASP A 208 38.67 9.90 -9.04
CA ASP A 208 39.28 8.68 -8.53
C ASP A 208 39.37 8.68 -6.99
N ALA A 209 39.84 9.78 -6.39
CA ALA A 209 39.97 9.85 -4.92
C ALA A 209 38.60 9.71 -4.25
N TYR A 210 37.56 10.27 -4.88
CA TYR A 210 36.20 10.26 -4.35
C TYR A 210 35.66 8.86 -4.33
N MET A 211 35.80 8.14 -5.45
CA MET A 211 35.31 6.77 -5.54
C MET A 211 36.13 5.86 -4.60
N THR A 212 37.41 6.16 -4.41
CA THR A 212 38.22 5.41 -3.44
C THR A 212 37.76 5.65 -2.00
N ARG A 213 37.52 6.92 -1.68
CA ARG A 213 37.03 7.34 -0.37
C ARG A 213 35.67 6.70 -0.07
N LEU A 214 34.79 6.60 -1.06
CA LEU A 214 33.47 5.98 -0.84
C LEU A 214 33.50 4.45 -0.56
N ALA A 215 34.58 3.77 -0.96
CA ALA A 215 34.73 2.31 -0.79
C ALA A 215 34.58 1.82 0.65
N SER A 216 34.74 2.73 1.60
CA SER A 216 34.53 2.42 3.01
C SER A 216 33.06 2.28 3.41
N ARG A 217 32.15 2.71 2.55
CA ARG A 217 30.73 2.59 2.80
C ARG A 217 30.23 1.24 2.32
N ASP A 218 29.68 0.45 3.22
CA ASP A 218 29.19 -0.89 2.90
C ASP A 218 28.18 -0.87 1.75
N ALA A 219 27.22 0.06 1.81
CA ALA A 219 26.14 0.06 0.80
C ALA A 219 26.62 0.55 -0.55
N TYR A 220 27.64 1.40 -0.56
CA TYR A 220 28.30 1.73 -1.81
C TYR A 220 28.92 0.49 -2.48
N ARG A 221 29.52 -0.39 -1.68
CA ARG A 221 30.19 -1.58 -2.24
C ARG A 221 29.15 -2.55 -2.79
N GLU A 222 28.00 -2.61 -2.13
CA GLU A 222 26.99 -3.56 -2.49
C GLU A 222 26.18 -3.10 -3.69
N TYR A 223 25.85 -1.81 -3.77
CA TYR A 223 24.88 -1.33 -4.77
C TYR A 223 25.41 -0.41 -5.88
N CYS A 224 26.60 0.16 -5.70
CA CYS A 224 27.20 1.08 -6.67
C CYS A 224 28.43 0.46 -7.38
N ARG A 225 29.51 0.33 -6.64
CA ARG A 225 30.75 -0.18 -7.21
C ARG A 225 30.81 -1.68 -7.13
N ASN A 226 29.91 -2.35 -7.86
CA ASN A 226 29.69 -3.76 -7.69
C ASN A 226 29.85 -4.48 -9.01
N GLY A 227 30.49 -3.81 -9.97
CA GLY A 227 30.80 -4.46 -11.22
C GLY A 227 29.71 -4.32 -12.26
N THR A 228 28.54 -3.82 -11.85
CA THR A 228 27.47 -3.54 -12.81
C THR A 228 27.60 -2.11 -13.35
N PRO A 229 27.60 -1.97 -14.68
CA PRO A 229 27.67 -0.62 -15.28
C PRO A 229 26.39 0.19 -15.04
N MET B 23 -39.18 -24.51 21.29
CA MET B 23 -38.88 -23.29 20.51
C MET B 23 -37.37 -23.01 20.51
N LEU B 24 -36.95 -22.20 19.56
CA LEU B 24 -35.61 -21.69 19.49
C LEU B 24 -35.54 -20.51 20.44
N GLN B 25 -34.56 -20.48 21.34
CA GLN B 25 -34.40 -19.30 22.18
C GLN B 25 -33.20 -18.48 21.73
N ILE B 26 -33.41 -17.18 21.46
CA ILE B 26 -32.31 -16.30 21.08
C ILE B 26 -31.97 -15.35 22.24
N LEU B 27 -30.78 -15.52 22.80
CA LEU B 27 -30.39 -14.78 23.99
C LEU B 27 -29.56 -13.58 23.54
N GLY B 28 -30.08 -12.38 23.74
CA GLY B 28 -29.30 -11.20 23.40
C GLY B 28 -30.14 -9.98 23.08
N LYS B 29 -29.68 -8.82 23.55
CA LYS B 29 -30.34 -7.54 23.24
C LYS B 29 -30.42 -7.28 21.72
N PRO B 30 -31.57 -6.76 21.25
CA PRO B 30 -31.90 -6.60 19.81
C PRO B 30 -31.10 -5.50 19.10
N THR B 31 -30.41 -4.68 19.87
CA THR B 31 -29.55 -3.63 19.31
C THR B 31 -28.13 -4.10 18.90
N SER B 32 -27.68 -5.23 19.42
CA SER B 32 -26.33 -5.69 19.10
C SER B 32 -26.26 -6.16 17.64
N ILE B 33 -25.20 -5.75 16.95
CA ILE B 33 -25.07 -6.08 15.56
C ILE B 33 -24.98 -7.61 15.39
N ASN B 34 -24.29 -8.27 16.33
CA ASN B 34 -24.14 -9.72 16.22
C ASN B 34 -25.45 -10.47 16.56
N VAL B 35 -26.27 -9.88 17.42
CA VAL B 35 -27.58 -10.43 17.71
C VAL B 35 -28.45 -10.26 16.49
N ARG B 36 -28.35 -9.09 15.84
CA ARG B 36 -29.19 -8.84 14.67
C ARG B 36 -28.89 -9.79 13.51
N LYS B 37 -27.63 -10.19 13.35
CA LYS B 37 -27.30 -11.21 12.37
C LYS B 37 -28.18 -12.45 12.52
N VAL B 38 -28.34 -12.85 13.78
CA VAL B 38 -29.11 -14.03 14.10
C VAL B 38 -30.62 -13.83 13.92
N LEU B 39 -31.15 -12.73 14.46
CA LEU B 39 -32.56 -12.39 14.28
C LEU B 39 -32.91 -12.32 12.78
N TRP B 40 -32.13 -11.58 12.01
CA TRP B 40 -32.36 -11.45 10.57
C TRP B 40 -32.40 -12.87 9.94
N THR B 41 -31.42 -13.70 10.28
CA THR B 41 -31.33 -15.04 9.70
C THR B 41 -32.57 -15.87 10.06
N CYS B 42 -32.97 -15.81 11.32
CA CYS B 42 -34.18 -16.51 11.78
C CYS B 42 -35.37 -16.07 10.97
N ALA B 43 -35.51 -14.75 10.81
CA ALA B 43 -36.68 -14.24 10.09
C ALA B 43 -36.65 -14.71 8.62
N GLU B 44 -35.46 -14.74 8.01
CA GLU B 44 -35.39 -15.14 6.60
C GLU B 44 -35.75 -16.58 6.40
N LEU B 45 -35.30 -17.42 7.31
CA LEU B 45 -35.61 -18.83 7.29
C LEU B 45 -36.97 -19.13 7.86
N GLY B 46 -37.67 -18.09 8.31
CA GLY B 46 -39.05 -18.28 8.75
C GLY B 46 -39.11 -19.04 10.06
N LEU B 47 -38.06 -18.94 10.88
CA LEU B 47 -38.03 -19.66 12.15
C LEU B 47 -38.78 -18.92 13.22
N ALA B 48 -39.52 -19.67 14.02
CA ALA B 48 -40.09 -19.11 15.22
C ALA B 48 -39.10 -19.23 16.36
N PHE B 49 -39.02 -18.18 17.15
CA PHE B 49 -38.12 -18.12 18.30
C PHE B 49 -38.69 -17.21 19.35
N GLU B 50 -38.14 -17.32 20.55
CA GLU B 50 -38.37 -16.35 21.62
C GLU B 50 -37.06 -15.64 21.85
N ARG B 51 -37.13 -14.37 22.21
CA ARG B 51 -35.91 -13.61 22.46
C ARG B 51 -35.85 -13.05 23.87
N GLU B 52 -34.66 -13.10 24.47
CA GLU B 52 -34.42 -12.54 25.81
C GLU B 52 -33.28 -11.53 25.72
N ASP B 53 -33.49 -10.34 26.25
CA ASP B 53 -32.58 -9.21 26.08
C ASP B 53 -31.38 -9.27 26.99
N TRP B 54 -30.58 -10.30 26.86
CA TRP B 54 -29.38 -10.38 27.67
C TRP B 54 -28.36 -9.32 27.23
N GLY B 55 -27.62 -8.79 28.19
CA GLY B 55 -26.61 -7.78 27.90
C GLY B 55 -27.12 -6.35 27.92
N ALA B 56 -28.39 -6.15 28.22
CA ALA B 56 -28.97 -4.81 28.28
C ALA B 56 -29.40 -4.56 29.68
N GLY B 57 -29.48 -3.27 30.03
CA GLY B 57 -29.80 -2.75 31.34
C GLY B 57 -29.84 -3.69 32.53
N PHE B 58 -30.81 -4.57 32.45
CA PHE B 58 -31.42 -5.30 33.55
C PHE B 58 -30.91 -6.75 33.60
N ARG B 59 -30.20 -7.16 32.55
CA ARG B 59 -29.86 -8.56 32.33
C ARG B 59 -28.39 -8.68 31.94
N PRO B 60 -27.47 -8.43 32.87
CA PRO B 60 -26.05 -8.54 32.53
C PRO B 60 -25.66 -10.00 32.31
N THR B 61 -24.70 -10.21 31.43
CA THR B 61 -24.27 -11.55 31.05
C THR B 61 -23.23 -12.14 32.01
N ASN B 62 -22.71 -11.30 32.91
CA ASN B 62 -21.68 -11.75 33.85
C ASN B 62 -22.28 -12.52 35.02
N VAL B 63 -23.13 -13.51 34.76
CA VAL B 63 -23.76 -14.29 35.83
C VAL B 63 -23.68 -15.79 35.51
N PRO B 64 -23.56 -16.63 36.55
CA PRO B 64 -23.35 -18.08 36.37
C PRO B 64 -24.34 -18.75 35.41
N GLU B 65 -25.58 -18.30 35.40
CA GLU B 65 -26.61 -18.91 34.54
C GLU B 65 -26.23 -18.69 33.09
N PHE B 66 -25.72 -17.49 32.79
CA PHE B 66 -25.37 -17.13 31.41
C PHE B 66 -23.97 -17.67 31.11
N LEU B 67 -23.03 -17.49 32.03
CA LEU B 67 -21.68 -18.02 31.83
C LEU B 67 -21.68 -19.53 31.57
N ALA B 68 -22.61 -20.25 32.20
CA ALA B 68 -22.82 -21.68 31.92
C ALA B 68 -23.13 -21.93 30.46
N LEU B 69 -23.68 -20.92 29.78
CA LEU B 69 -24.06 -21.07 28.37
C LEU B 69 -22.96 -20.57 27.44
N ASN B 70 -22.38 -19.42 27.77
CA ASN B 70 -21.25 -18.93 27.04
C ASN B 70 -20.23 -18.38 28.03
N PRO B 71 -19.08 -19.05 28.17
CA PRO B 71 -18.13 -18.57 29.18
C PRO B 71 -17.52 -17.25 28.76
N ASN B 72 -17.71 -16.84 27.50
CA ASN B 72 -17.34 -15.49 27.06
C ASN B 72 -18.23 -14.38 27.58
N ALA B 73 -19.43 -14.76 28.07
CA ALA B 73 -20.40 -13.79 28.59
C ALA B 73 -20.80 -12.77 27.51
N MET B 74 -20.92 -13.22 26.28
CA MET B 74 -21.36 -12.31 25.23
C MET B 74 -22.54 -12.84 24.48
N VAL B 75 -23.27 -11.92 23.87
CA VAL B 75 -24.40 -12.28 23.06
C VAL B 75 -24.04 -12.12 21.60
N PRO B 76 -24.69 -12.88 20.72
CA PRO B 76 -25.75 -13.84 21.06
C PRO B 76 -25.29 -15.23 21.45
N VAL B 77 -26.24 -15.93 22.05
CA VAL B 77 -26.17 -17.34 22.33
C VAL B 77 -27.53 -17.84 21.91
N ILE B 78 -27.60 -18.99 21.26
CA ILE B 78 -28.89 -19.62 21.08
C ILE B 78 -28.98 -20.94 21.84
N ARG B 79 -30.23 -21.34 22.12
CA ARG B 79 -30.55 -22.64 22.66
C ARG B 79 -31.55 -23.22 21.71
N ASP B 80 -31.20 -24.35 21.11
CA ASP B 80 -32.07 -25.00 20.16
C ASP B 80 -32.37 -26.36 20.78
N GLY B 81 -33.47 -26.43 21.52
CA GLY B 81 -33.73 -27.57 22.37
C GLY B 81 -32.58 -27.72 23.37
N ASP B 82 -31.90 -28.85 23.29
CA ASP B 82 -30.76 -29.17 24.14
C ASP B 82 -29.44 -28.54 23.63
N PHE B 83 -29.43 -28.13 22.36
CA PHE B 83 -28.20 -27.66 21.74
C PHE B 83 -27.89 -26.19 22.02
N VAL B 84 -26.70 -25.90 22.55
CA VAL B 84 -26.35 -24.51 22.87
C VAL B 84 -25.18 -24.04 22.04
N LEU B 85 -25.32 -22.87 21.45
CA LEU B 85 -24.33 -22.41 20.51
C LEU B 85 -24.13 -20.92 20.70
N TRP B 86 -22.86 -20.50 20.67
CA TRP B 86 -22.52 -19.09 20.60
C TRP B 86 -21.58 -18.80 19.41
N GLU B 87 -21.28 -17.54 19.25
CA GLU B 87 -20.55 -16.97 18.11
C GLU B 87 -21.50 -16.78 16.93
N SER B 88 -21.69 -15.53 16.53
CA SER B 88 -22.86 -15.20 15.70
C SER B 88 -22.78 -15.81 14.30
N ASN B 89 -21.61 -15.75 13.68
CA ASN B 89 -21.44 -16.31 12.36
C ASN B 89 -21.61 -17.85 12.36
N SER B 90 -21.14 -18.50 13.41
CA SER B 90 -21.32 -19.94 13.56
C SER B 90 -22.82 -20.20 13.68
N ILE B 91 -23.48 -19.36 14.45
CA ILE B 91 -24.93 -19.49 14.64
C ILE B 91 -25.75 -19.36 13.35
N ILE B 92 -25.47 -18.34 12.54
CA ILE B 92 -26.29 -18.16 11.35
C ILE B 92 -26.01 -19.31 10.34
N ARG B 93 -24.75 -19.77 10.29
CA ARG B 93 -24.36 -20.95 9.52
C ARG B 93 -25.14 -22.18 9.93
N TYR B 94 -25.24 -22.37 11.24
CA TYR B 94 -25.98 -23.51 11.82
C TYR B 94 -27.45 -23.52 11.44
N LEU B 95 -28.10 -22.36 11.59
CA LEU B 95 -29.54 -22.21 11.31
C LEU B 95 -29.82 -22.49 9.83
N ALA B 96 -28.99 -21.97 8.96
CA ALA B 96 -29.16 -22.20 7.55
C ALA B 96 -28.88 -23.65 7.18
N GLY B 97 -27.87 -24.23 7.82
CA GLY B 97 -27.54 -25.61 7.54
C GLY B 97 -28.58 -26.59 8.06
N ARG B 98 -29.21 -26.30 9.18
CA ARG B 98 -30.15 -27.26 9.76
C ARG B 98 -31.61 -27.07 9.32
N TYR B 99 -32.02 -25.83 9.03
CA TYR B 99 -33.45 -25.48 8.89
C TYR B 99 -33.82 -24.98 7.50
N GLY B 100 -33.51 -25.77 6.48
CA GLY B 100 -34.02 -25.51 5.15
C GLY B 100 -33.37 -24.33 4.43
N GLY B 101 -32.08 -24.12 4.69
CA GLY B 101 -31.37 -22.95 4.21
C GLY B 101 -30.48 -23.11 3.00
N GLU B 102 -30.68 -24.15 2.17
CA GLU B 102 -29.86 -24.33 0.97
C GLU B 102 -29.96 -23.10 0.09
N TRP B 103 -31.13 -22.47 0.08
CA TRP B 103 -31.34 -21.36 -0.80
C TRP B 103 -30.51 -20.15 -0.39
N LEU B 104 -30.21 -20.10 0.90
CA LEU B 104 -29.51 -18.97 1.51
C LEU B 104 -27.98 -19.21 1.61
N TYR B 105 -27.60 -20.47 1.83
CA TYR B 105 -26.21 -20.84 2.09
C TYR B 105 -25.97 -22.16 1.36
N PRO B 106 -25.57 -22.08 0.10
CA PRO B 106 -25.57 -23.25 -0.80
C PRO B 106 -24.54 -24.31 -0.43
N ALA B 107 -24.79 -25.58 -0.75
CA ALA B 107 -23.89 -26.63 -0.27
C ALA B 107 -22.69 -26.80 -1.19
N ASP B 108 -22.84 -26.41 -2.45
CA ASP B 108 -21.72 -26.53 -3.39
C ASP B 108 -20.48 -25.86 -2.78
N ALA B 109 -19.34 -26.56 -2.81
CA ALA B 109 -18.17 -26.09 -2.07
C ALA B 109 -17.67 -24.75 -2.58
N ARG B 110 -17.68 -24.56 -3.89
CA ARG B 110 -17.29 -23.25 -4.43
C ARG B 110 -18.29 -22.14 -4.14
N GLU B 111 -19.57 -22.39 -4.34
CA GLU B 111 -20.52 -21.31 -4.04
C GLU B 111 -20.50 -20.94 -2.55
N ARG B 112 -20.40 -21.94 -1.69
CA ARG B 112 -20.30 -21.71 -0.26
C ARG B 112 -19.07 -20.93 0.07
N ALA B 113 -17.99 -21.16 -0.65
CA ALA B 113 -16.76 -20.47 -0.34
C ALA B 113 -16.90 -18.98 -0.66
N ARG B 114 -17.61 -18.69 -1.74
CA ARG B 114 -17.86 -17.28 -2.09
C ARG B 114 -18.65 -16.56 -1.00
N CYS B 115 -19.55 -17.26 -0.30
CA CYS B 115 -20.25 -16.71 0.85
C CYS B 115 -19.34 -16.62 2.06
N ASP B 116 -18.56 -17.67 2.28
CA ASP B 116 -17.76 -17.78 3.48
C ASP B 116 -16.74 -16.65 3.55
N GLN B 117 -16.12 -16.32 2.43
CA GLN B 117 -15.08 -15.30 2.48
C GLN B 117 -15.56 -13.94 3.01
N TRP B 118 -16.76 -13.53 2.60
CA TRP B 118 -17.35 -12.30 3.11
C TRP B 118 -17.83 -12.43 4.55
N ILE B 119 -18.37 -13.57 4.91
CA ILE B 119 -18.79 -13.76 6.28
C ILE B 119 -17.59 -13.73 7.23
N ASP B 120 -16.53 -14.43 6.86
CA ASP B 120 -15.37 -14.60 7.74
C ASP B 120 -14.57 -13.30 7.81
N TRP B 121 -14.43 -12.65 6.66
CA TRP B 121 -13.75 -11.34 6.58
C TRP B 121 -14.55 -10.26 7.34
N GLN B 122 -15.88 -10.27 7.22
CA GLN B 122 -16.67 -9.30 7.98
C GLN B 122 -16.29 -9.40 9.47
N ALA B 123 -16.19 -10.62 10.00
CA ALA B 123 -15.95 -10.78 11.43
C ALA B 123 -14.51 -10.61 11.89
N SER B 124 -13.54 -10.91 11.03
CA SER B 124 -12.12 -10.86 11.41
C SER B 124 -11.46 -9.51 11.10
N GLU B 125 -11.88 -8.86 10.02
CA GLU B 125 -11.24 -7.62 9.57
C GLU B 125 -12.19 -6.39 9.65
N LEU B 126 -13.38 -6.48 9.04
CA LEU B 126 -14.27 -5.30 8.97
C LEU B 126 -14.72 -4.83 10.34
N ASN B 127 -15.25 -5.75 11.12
CA ASN B 127 -15.74 -5.45 12.45
C ASN B 127 -14.67 -4.78 13.32
N ARG B 128 -13.46 -5.29 13.22
CA ARG B 128 -12.35 -4.83 14.00
C ARG B 128 -11.94 -3.44 13.54
N SER B 129 -12.12 -3.15 12.27
CA SER B 129 -11.60 -1.91 11.74
C SER B 129 -12.39 -0.70 12.24
N TRP B 130 -13.62 -0.90 12.69
CA TRP B 130 -14.45 0.23 13.08
C TRP B 130 -14.52 0.52 14.59
N SER B 131 -13.89 -0.31 15.41
CA SER B 131 -14.04 -0.23 16.88
C SER B 131 -13.93 1.16 17.47
N TYR B 132 -12.77 1.79 17.30
CA TYR B 132 -12.50 3.02 18.01
C TYR B 132 -13.50 4.14 17.68
N ALA B 133 -13.72 4.37 16.38
CA ALA B 133 -14.59 5.43 15.90
C ALA B 133 -16.02 5.15 16.35
N PHE B 134 -16.42 3.88 16.28
CA PHE B 134 -17.78 3.53 16.62
C PHE B 134 -18.03 3.78 18.11
N LEU B 135 -17.15 3.21 18.95
CA LEU B 135 -17.25 3.41 20.39
C LEU B 135 -17.22 4.89 20.76
N ALA B 136 -16.36 5.65 20.08
CA ALA B 136 -16.25 7.07 20.37
C ALA B 136 -17.47 7.82 19.89
N LEU B 137 -17.90 7.58 18.66
CA LEU B 137 -18.85 8.49 18.01
C LEU B 137 -20.30 8.07 18.13
N VAL B 138 -20.53 6.82 18.49
CA VAL B 138 -21.90 6.35 18.58
C VAL B 138 -22.21 6.00 20.00
N ARG B 139 -21.31 5.24 20.62
CA ARG B 139 -21.49 4.86 22.00
C ARG B 139 -21.18 6.03 22.92
N GLN B 140 -20.44 7.00 22.40
CA GLN B 140 -20.01 8.15 23.22
C GLN B 140 -19.34 7.64 24.48
N SER B 141 -18.42 6.71 24.28
CA SER B 141 -17.67 6.11 25.36
C SER B 141 -16.73 7.12 25.98
N PRO B 142 -16.87 7.38 27.31
CA PRO B 142 -15.88 8.22 28.00
C PRO B 142 -14.44 7.79 27.71
N ALA B 143 -14.26 6.51 27.41
CA ALA B 143 -12.94 5.91 27.22
C ALA B 143 -12.37 5.97 25.79
N HIS B 144 -13.05 6.65 24.87
CA HIS B 144 -12.51 6.81 23.52
C HIS B 144 -12.68 8.24 23.08
N ARG B 145 -11.65 9.02 23.36
CA ARG B 145 -11.68 10.44 23.10
C ARG B 145 -10.47 10.92 22.28
N ASP B 146 -9.44 10.07 22.15
CA ASP B 146 -8.27 10.40 21.33
C ASP B 146 -8.69 10.58 19.88
N ALA B 147 -8.70 11.84 19.43
CA ALA B 147 -9.22 12.19 18.11
C ALA B 147 -8.41 11.55 17.00
N GLN B 148 -7.16 11.23 17.30
CA GLN B 148 -6.29 10.59 16.32
C GLN B 148 -6.61 9.12 16.13
N GLN B 149 -6.96 8.43 17.21
CA GLN B 149 -7.36 7.04 17.08
C GLN B 149 -8.74 6.94 16.42
N ILE B 150 -9.57 7.95 16.63
CA ILE B 150 -10.85 8.06 15.94
C ILE B 150 -10.59 8.16 14.44
N GLU B 151 -9.78 9.13 14.03
CA GLU B 151 -9.49 9.31 12.61
C GLU B 151 -8.75 8.10 12.09
N ALA B 152 -7.85 7.55 12.90
CA ALA B 152 -7.13 6.33 12.51
C ALA B 152 -8.09 5.17 12.15
N SER B 153 -9.02 4.89 13.05
CA SER B 153 -10.04 3.88 12.83
C SER B 153 -10.94 4.24 11.63
N ARG B 154 -11.32 5.51 11.49
CA ARG B 154 -12.19 5.90 10.37
C ARG B 154 -11.48 5.61 9.05
N ALA B 155 -10.19 5.91 8.99
CA ALA B 155 -9.42 5.74 7.75
C ALA B 155 -9.27 4.28 7.39
N ASN B 156 -9.08 3.42 8.39
CA ASN B 156 -8.97 1.99 8.15
C ASN B 156 -10.31 1.37 7.71
N TRP B 157 -11.37 1.78 8.40
CA TRP B 157 -12.74 1.39 8.09
C TRP B 157 -13.12 1.78 6.65
N ALA B 158 -12.76 3.00 6.25
CA ALA B 158 -13.04 3.47 4.89
C ALA B 158 -12.34 2.59 3.84
N LYS B 159 -11.12 2.16 4.15
CA LYS B 159 -10.37 1.27 3.27
C LYS B 159 -11.07 -0.08 3.09
N HIS B 160 -11.60 -0.61 4.18
CA HIS B 160 -12.33 -1.87 4.10
C HIS B 160 -13.63 -1.68 3.32
N MET B 161 -14.30 -0.54 3.50
CA MET B 161 -15.52 -0.26 2.77
C MET B 161 -15.26 -0.10 1.27
N ALA B 162 -14.06 0.34 0.89
CA ALA B 162 -13.72 0.42 -0.53
C ALA B 162 -13.67 -0.97 -1.18
N ILE B 163 -13.27 -1.97 -0.40
CA ILE B 163 -13.23 -3.35 -0.85
C ILE B 163 -14.65 -3.85 -1.06
N VAL B 164 -15.57 -3.49 -0.16
CA VAL B 164 -16.97 -3.84 -0.33
C VAL B 164 -17.50 -3.18 -1.62
N GLU B 165 -17.28 -1.88 -1.77
CA GLU B 165 -17.67 -1.17 -2.99
C GLU B 165 -17.11 -1.86 -4.23
N GLY B 166 -15.85 -2.25 -4.17
CA GLY B 166 -15.24 -2.90 -5.32
C GLY B 166 -15.92 -4.19 -5.70
N GLN B 167 -16.32 -4.98 -4.70
CA GLN B 167 -16.96 -6.26 -4.94
C GLN B 167 -18.34 -6.03 -5.50
N LEU B 168 -19.01 -5.02 -4.97
CA LEU B 168 -20.37 -4.72 -5.42
C LEU B 168 -20.38 -4.13 -6.84
N GLN B 169 -19.36 -3.35 -7.18
CA GLN B 169 -19.21 -2.90 -8.56
C GLN B 169 -19.11 -4.13 -9.46
N ARG B 170 -18.30 -5.11 -9.07
CA ARG B 170 -18.14 -6.33 -9.87
C ARG B 170 -19.43 -7.15 -9.97
N THR B 171 -20.15 -7.40 -8.89
CA THR B 171 -21.30 -8.30 -9.03
C THR B 171 -22.47 -7.53 -9.56
N GLY B 172 -22.56 -6.26 -9.18
CA GLY B 172 -23.68 -5.42 -9.58
C GLY B 172 -24.95 -5.93 -8.91
N ALA B 173 -24.81 -6.79 -7.91
CA ALA B 173 -25.98 -7.40 -7.30
C ALA B 173 -25.83 -7.57 -5.78
N PHE B 174 -25.28 -8.70 -5.38
CA PHE B 174 -25.13 -8.98 -3.96
C PHE B 174 -23.67 -9.22 -3.63
N ILE B 175 -23.32 -9.39 -2.36
CA ILE B 175 -21.90 -9.39 -2.02
C ILE B 175 -21.19 -10.65 -2.61
N ALA B 176 -21.87 -11.77 -2.64
CA ALA B 176 -21.24 -13.02 -3.06
C ALA B 176 -21.47 -13.35 -4.53
N GLY B 177 -22.31 -12.59 -5.21
CA GLY B 177 -22.68 -12.94 -6.58
C GLY B 177 -24.06 -12.44 -6.93
N ASP B 178 -24.75 -13.19 -7.77
CA ASP B 178 -25.92 -12.62 -8.41
C ASP B 178 -27.22 -12.76 -7.60
N ALA B 179 -27.19 -13.45 -6.46
CA ALA B 179 -28.36 -13.67 -5.63
C ALA B 179 -28.12 -13.38 -4.16
N PHE B 180 -29.18 -13.03 -3.45
CA PHE B 180 -29.11 -12.87 -1.99
C PHE B 180 -28.62 -14.16 -1.31
N SER B 181 -27.72 -14.03 -0.34
CA SER B 181 -27.15 -15.18 0.33
C SER B 181 -26.87 -14.85 1.78
N LEU B 182 -26.41 -15.86 2.52
CA LEU B 182 -26.15 -15.70 3.95
C LEU B 182 -25.09 -14.62 4.20
N ALA B 183 -24.18 -14.45 3.24
CA ALA B 183 -23.15 -13.46 3.36
C ALA B 183 -23.66 -12.02 3.43
N ASP B 184 -24.79 -11.74 2.77
CA ASP B 184 -25.34 -10.39 2.80
C ASP B 184 -25.79 -9.97 4.19
N ILE B 185 -25.99 -10.92 5.09
CA ILE B 185 -26.56 -10.55 6.36
C ILE B 185 -25.48 -9.83 7.22
N PRO B 186 -24.28 -10.44 7.41
CA PRO B 186 -23.21 -9.72 8.14
C PRO B 186 -22.75 -8.47 7.38
N ILE B 187 -22.70 -8.53 6.06
CA ILE B 187 -22.21 -7.39 5.28
C ILE B 187 -23.20 -6.19 5.31
N ALA B 188 -24.47 -6.44 5.03
CA ALA B 188 -25.41 -5.34 5.04
C ALA B 188 -25.54 -4.74 6.44
N LEU B 189 -25.45 -5.57 7.48
CA LEU B 189 -25.45 -5.04 8.86
C LEU B 189 -24.25 -4.15 9.07
N SER B 190 -23.11 -4.56 8.51
CA SER B 190 -21.90 -3.75 8.63
C SER B 190 -22.03 -2.44 7.88
N ILE B 191 -22.65 -2.50 6.72
CA ILE B 191 -22.83 -1.26 5.92
C ILE B 191 -23.75 -0.30 6.63
N ASN B 192 -24.80 -0.83 7.23
CA ASN B 192 -25.74 -0.02 7.95
C ASN B 192 -25.01 0.74 9.07
N ARG B 193 -24.10 0.05 9.77
CA ARG B 193 -23.32 0.71 10.81
C ARG B 193 -22.52 1.90 10.23
N TRP B 194 -21.89 1.67 9.10
CA TRP B 194 -21.11 2.69 8.42
C TRP B 194 -22.00 3.90 8.14
N LEU B 195 -23.16 3.62 7.58
CA LEU B 195 -24.07 4.68 7.14
C LEU B 195 -24.65 5.47 8.30
N GLU B 196 -24.71 4.84 9.47
CA GLU B 196 -25.39 5.46 10.60
C GLU B 196 -24.44 5.99 11.66
N THR B 197 -23.15 5.96 11.36
CA THR B 197 -22.14 6.52 12.25
C THR B 197 -21.74 7.92 11.74
N PRO B 198 -21.70 8.92 12.64
CA PRO B 198 -21.51 10.30 12.17
C PRO B 198 -20.08 10.57 11.77
N ILE B 199 -19.62 9.95 10.70
CA ILE B 199 -18.28 10.12 10.19
C ILE B 199 -18.38 10.57 8.74
N ALA B 200 -17.32 11.20 8.26
CA ALA B 200 -17.18 11.50 6.85
C ALA B 200 -16.99 10.21 6.07
N ARG B 201 -17.74 10.08 4.98
CA ARG B 201 -17.71 8.88 4.14
C ARG B 201 -17.61 9.28 2.69
N ASP B 202 -16.71 8.64 1.96
CA ASP B 202 -16.72 8.69 0.50
C ASP B 202 -18.07 8.32 -0.07
N ASP B 203 -18.36 8.87 -1.24
CA ASP B 203 -19.48 8.40 -2.01
C ASP B 203 -19.15 7.01 -2.55
N LEU B 204 -19.97 6.03 -2.17
CA LEU B 204 -19.83 4.65 -2.63
C LEU B 204 -21.12 4.19 -3.34
N PRO B 205 -21.18 4.39 -4.65
CA PRO B 205 -22.48 4.22 -5.32
C PRO B 205 -22.97 2.76 -5.46
N ALA B 206 -22.08 1.79 -5.66
CA ALA B 206 -22.52 0.40 -5.69
C ALA B 206 -23.10 0.01 -4.31
N VAL B 207 -22.48 0.52 -3.25
CA VAL B 207 -22.99 0.31 -1.90
C VAL B 207 -24.40 0.84 -1.71
N ASP B 208 -24.63 2.07 -2.19
CA ASP B 208 -25.91 2.70 -2.07
C ASP B 208 -26.97 1.90 -2.81
N ALA B 209 -26.65 1.48 -4.04
CA ALA B 209 -27.57 0.70 -4.86
C ALA B 209 -27.93 -0.62 -4.18
N TYR B 210 -26.94 -1.29 -3.60
CA TYR B 210 -27.12 -2.57 -2.91
C TYR B 210 -28.11 -2.44 -1.75
N MET B 211 -27.89 -1.44 -0.89
CA MET B 211 -28.73 -1.22 0.27
C MET B 211 -30.15 -0.82 -0.18
N THR B 212 -30.26 -0.15 -1.32
CA THR B 212 -31.59 0.22 -1.84
C THR B 212 -32.32 -1.04 -2.33
N ARG B 213 -31.58 -1.85 -3.06
CA ARG B 213 -32.06 -3.13 -3.58
C ARG B 213 -32.52 -4.07 -2.44
N LEU B 214 -31.81 -4.10 -1.30
CA LEU B 214 -32.21 -4.95 -0.16
C LEU B 214 -33.51 -4.49 0.55
N ALA B 215 -33.92 -3.25 0.30
CA ALA B 215 -35.04 -2.63 1.02
C ALA B 215 -36.31 -3.39 0.76
N SER B 216 -36.32 -4.17 -0.32
CA SER B 216 -37.47 -4.96 -0.66
C SER B 216 -37.65 -6.20 0.21
N ARG B 217 -36.66 -6.51 1.02
CA ARG B 217 -36.73 -7.64 1.95
C ARG B 217 -37.27 -7.23 3.33
N ASP B 218 -38.37 -7.84 3.76
CA ASP B 218 -39.02 -7.43 5.00
C ASP B 218 -38.09 -7.57 6.19
N ALA B 219 -37.35 -8.67 6.22
CA ALA B 219 -36.42 -8.93 7.35
C ALA B 219 -35.26 -7.94 7.41
N TYR B 220 -34.80 -7.46 6.26
CA TYR B 220 -33.82 -6.39 6.24
C TYR B 220 -34.37 -5.08 6.81
N ARG B 221 -35.60 -4.72 6.41
CA ARG B 221 -36.20 -3.54 6.96
C ARG B 221 -36.34 -3.67 8.47
N GLU B 222 -36.65 -4.87 8.97
CA GLU B 222 -36.96 -5.03 10.38
C GLU B 222 -35.71 -5.10 11.26
N TYR B 223 -34.68 -5.80 10.81
CA TYR B 223 -33.52 -6.08 11.64
C TYR B 223 -32.22 -5.39 11.24
N CYS B 224 -32.13 -4.83 10.03
CA CYS B 224 -30.90 -4.20 9.56
C CYS B 224 -31.01 -2.68 9.44
N ARG B 225 -31.73 -2.21 8.44
CA ARG B 225 -31.85 -0.78 8.19
C ARG B 225 -33.05 -0.25 8.95
N ASN B 226 -32.94 -0.25 10.26
CA ASN B 226 -34.06 0.05 11.15
C ASN B 226 -33.75 1.20 12.09
N GLY B 227 -32.76 1.99 11.73
CA GLY B 227 -32.38 3.14 12.53
C GLY B 227 -31.30 2.88 13.59
N THR B 228 -31.10 1.63 13.97
CA THR B 228 -30.07 1.27 14.95
C THR B 228 -28.69 1.09 14.28
N PRO B 229 -27.68 1.86 14.75
CA PRO B 229 -26.32 1.70 14.18
C PRO B 229 -25.75 0.33 14.47
N MET C 23 -2.04 -28.15 -10.06
CA MET C 23 -1.58 -28.21 -8.63
C MET C 23 -1.99 -26.94 -7.86
N LEU C 24 -2.46 -27.14 -6.64
CA LEU C 24 -2.95 -26.06 -5.77
C LEU C 24 -1.86 -25.06 -5.44
N GLN C 25 -2.12 -23.78 -5.63
CA GLN C 25 -1.11 -22.79 -5.31
C GLN C 25 -1.49 -21.93 -4.11
N ILE C 26 -0.53 -21.78 -3.19
CA ILE C 26 -0.75 -20.98 -2.00
C ILE C 26 0.24 -19.84 -1.98
N LEU C 27 -0.27 -18.63 -1.83
CA LEU C 27 0.54 -17.44 -1.78
C LEU C 27 0.54 -16.95 -0.34
N GLY C 28 1.73 -16.64 0.18
CA GLY C 28 1.92 -16.12 1.52
C GLY C 28 3.16 -16.66 2.19
N LYS C 29 3.77 -15.87 3.07
CA LYS C 29 4.95 -16.30 3.82
C LYS C 29 4.64 -17.51 4.68
N PRO C 30 5.56 -18.48 4.72
CA PRO C 30 5.46 -19.75 5.47
C PRO C 30 5.31 -19.54 6.96
N THR C 31 5.68 -18.36 7.46
CA THR C 31 5.67 -18.09 8.90
C THR C 31 4.37 -17.46 9.38
N SER C 32 3.58 -16.90 8.47
CA SER C 32 2.26 -16.36 8.83
C SER C 32 1.35 -17.41 9.43
N ILE C 33 0.69 -17.06 10.52
CA ILE C 33 -0.17 -18.04 11.20
C ILE C 33 -1.36 -18.41 10.31
N ASN C 34 -1.78 -17.47 9.48
CA ASN C 34 -2.97 -17.72 8.64
C ASN C 34 -2.62 -18.55 7.43
N VAL C 35 -1.40 -18.38 6.93
CA VAL C 35 -0.88 -19.27 5.89
C VAL C 35 -0.71 -20.68 6.42
N ARG C 36 -0.28 -20.80 7.66
CA ARG C 36 -0.02 -22.09 8.25
C ARG C 36 -1.33 -22.87 8.46
N LYS C 37 -2.44 -22.16 8.68
CA LYS C 37 -3.72 -22.86 8.76
C LYS C 37 -3.92 -23.64 7.46
N VAL C 38 -3.57 -23.02 6.34
CA VAL C 38 -3.90 -23.57 5.03
C VAL C 38 -2.98 -24.73 4.66
N LEU C 39 -1.69 -24.55 4.93
CA LEU C 39 -0.72 -25.61 4.69
C LEU C 39 -1.06 -26.85 5.52
N TRP C 40 -1.34 -26.61 6.79
CA TRP C 40 -1.63 -27.68 7.71
C TRP C 40 -2.87 -28.44 7.21
N THR C 41 -3.89 -27.71 6.78
CA THR C 41 -5.11 -28.31 6.28
C THR C 41 -4.77 -29.12 5.02
N CYS C 42 -4.00 -28.55 4.09
CA CYS C 42 -3.62 -29.30 2.89
C CYS C 42 -2.95 -30.60 3.27
N ALA C 43 -1.99 -30.54 4.21
CA ALA C 43 -1.27 -31.73 4.55
C ALA C 43 -2.20 -32.75 5.16
N GLU C 44 -3.10 -32.33 6.04
CA GLU C 44 -4.04 -33.30 6.65
C GLU C 44 -4.90 -33.98 5.60
N LEU C 45 -5.32 -33.20 4.60
CA LEU C 45 -6.28 -33.76 3.63
C LEU C 45 -5.64 -34.69 2.62
N GLY C 46 -4.35 -34.52 2.40
CA GLY C 46 -3.60 -35.28 1.43
C GLY C 46 -3.60 -34.56 0.06
N LEU C 47 -3.46 -33.24 0.09
CA LEU C 47 -3.45 -32.43 -1.12
C LEU C 47 -2.02 -32.10 -1.55
N ALA C 48 -1.76 -32.23 -2.85
CA ALA C 48 -0.55 -31.71 -3.46
C ALA C 48 -0.68 -30.18 -3.55
N PHE C 49 0.34 -29.46 -3.09
CA PHE C 49 0.32 -27.99 -3.18
C PHE C 49 1.71 -27.43 -3.33
N GLU C 50 1.78 -26.19 -3.83
CA GLU C 50 3.00 -25.39 -3.92
C GLU C 50 2.75 -24.10 -3.18
N ARG C 51 3.67 -23.69 -2.31
CA ARG C 51 3.58 -22.39 -1.65
C ARG C 51 4.65 -21.46 -2.16
N GLU C 52 4.25 -20.25 -2.54
CA GLU C 52 5.17 -19.27 -3.14
C GLU C 52 5.11 -17.96 -2.35
N VAL C 75 -3.32 -12.04 1.86
CA VAL C 75 -2.58 -13.28 2.14
C VAL C 75 -3.17 -13.96 3.35
N PRO C 76 -3.28 -15.32 3.33
CA PRO C 76 -3.01 -16.22 2.21
C PRO C 76 -4.07 -16.11 1.13
N VAL C 77 -3.69 -16.46 -0.09
CA VAL C 77 -4.64 -16.57 -1.19
C VAL C 77 -4.35 -17.91 -1.81
N ILE C 78 -5.38 -18.63 -2.23
CA ILE C 78 -5.13 -19.82 -3.02
C ILE C 78 -5.69 -19.69 -4.40
N ARG C 79 -5.05 -20.40 -5.33
CA ARG C 79 -5.62 -20.64 -6.63
C ARG C 79 -5.74 -22.15 -6.79
N ASP C 80 -6.94 -22.59 -7.13
CA ASP C 80 -7.26 -23.99 -7.32
C ASP C 80 -7.89 -24.06 -8.70
N GLY C 81 -7.09 -24.35 -9.73
CA GLY C 81 -7.57 -24.18 -11.10
C GLY C 81 -7.86 -22.71 -11.39
N ASP C 82 -9.07 -22.40 -11.84
CA ASP C 82 -9.40 -21.00 -12.13
C ASP C 82 -10.16 -20.40 -10.95
N PHE C 83 -10.22 -21.15 -9.86
CA PHE C 83 -10.90 -20.64 -8.67
C PHE C 83 -9.91 -20.00 -7.69
N VAL C 84 -10.12 -18.72 -7.39
CA VAL C 84 -9.25 -18.00 -6.46
C VAL C 84 -9.99 -17.59 -5.20
N LEU C 85 -9.39 -17.89 -4.05
CA LEU C 85 -10.06 -17.70 -2.76
C LEU C 85 -9.08 -17.14 -1.75
N TRP C 86 -9.54 -16.15 -0.97
CA TRP C 86 -8.77 -15.65 0.17
C TRP C 86 -9.66 -15.70 1.44
N GLU C 87 -9.08 -15.24 2.54
CA GLU C 87 -9.65 -15.43 3.89
C GLU C 87 -9.38 -16.84 4.41
N SER C 88 -8.46 -16.90 5.38
CA SER C 88 -7.87 -18.17 5.75
C SER C 88 -8.87 -19.22 6.29
N ASN C 89 -9.78 -18.82 7.15
CA ASN C 89 -10.77 -19.79 7.63
C ASN C 89 -11.73 -20.21 6.50
N SER C 90 -11.98 -19.30 5.56
CA SER C 90 -12.77 -19.64 4.40
C SER C 90 -12.03 -20.62 3.51
N ILE C 91 -10.73 -20.42 3.34
CA ILE C 91 -9.95 -21.37 2.55
C ILE C 91 -9.98 -22.78 3.15
N ILE C 92 -9.76 -22.88 4.45
CA ILE C 92 -9.66 -24.21 5.05
C ILE C 92 -10.99 -24.93 5.07
N ARG C 93 -12.09 -24.18 5.21
CA ARG C 93 -13.42 -24.77 5.10
C ARG C 93 -13.63 -25.31 3.68
N TYR C 94 -13.16 -24.57 2.68
CA TYR C 94 -13.37 -24.93 1.28
C TYR C 94 -12.58 -26.18 0.93
N LEU C 95 -11.35 -26.24 1.44
CA LEU C 95 -10.48 -27.38 1.15
C LEU C 95 -11.08 -28.63 1.74
N ALA C 96 -11.53 -28.55 3.00
CA ALA C 96 -12.16 -29.70 3.65
C ALA C 96 -13.49 -30.09 2.98
N GLY C 97 -14.21 -29.11 2.43
CA GLY C 97 -15.46 -29.38 1.74
C GLY C 97 -15.24 -30.02 0.38
N ARG C 98 -14.17 -29.61 -0.28
CA ARG C 98 -13.93 -29.95 -1.68
C ARG C 98 -13.11 -31.24 -1.79
N TYR C 99 -12.26 -31.52 -0.82
CA TYR C 99 -11.27 -32.59 -1.01
C TYR C 99 -11.40 -33.79 -0.08
N GLY C 100 -12.61 -34.36 0.00
CA GLY C 100 -12.84 -35.53 0.83
C GLY C 100 -12.53 -35.31 2.29
N GLY C 101 -12.79 -34.12 2.81
CA GLY C 101 -12.53 -33.84 4.21
C GLY C 101 -13.71 -33.90 5.16
N GLU C 102 -14.75 -34.66 4.81
CA GLU C 102 -15.89 -34.79 5.70
C GLU C 102 -15.51 -35.43 7.06
N TRP C 103 -14.38 -36.15 7.11
CA TRP C 103 -13.86 -36.75 8.36
C TRP C 103 -13.29 -35.70 9.30
N LEU C 104 -12.84 -34.60 8.70
CA LEU C 104 -12.19 -33.47 9.37
C LEU C 104 -13.17 -32.33 9.67
N TYR C 105 -14.09 -32.12 8.75
CA TYR C 105 -15.10 -31.06 8.87
C TYR C 105 -16.46 -31.70 8.55
N PRO C 106 -17.09 -32.27 9.55
CA PRO C 106 -18.26 -33.12 9.30
C PRO C 106 -19.46 -32.33 8.80
N ALA C 107 -20.27 -32.99 7.97
CA ALA C 107 -21.37 -32.31 7.29
C ALA C 107 -22.61 -32.13 8.17
N ASP C 108 -22.77 -32.95 9.18
CA ASP C 108 -23.93 -32.85 10.05
C ASP C 108 -23.96 -31.49 10.73
N ALA C 109 -25.12 -30.86 10.76
CA ALA C 109 -25.20 -29.43 11.09
C ALA C 109 -24.74 -29.12 12.54
N ARG C 110 -25.09 -29.97 13.49
CA ARG C 110 -24.65 -29.73 14.87
C ARG C 110 -23.17 -29.97 15.02
N GLU C 111 -22.68 -31.06 14.42
CA GLU C 111 -21.27 -31.40 14.52
C GLU C 111 -20.44 -30.29 13.88
N ARG C 112 -20.91 -29.77 12.75
CA ARG C 112 -20.18 -28.71 12.07
C ARG C 112 -20.21 -27.45 12.93
N ALA C 113 -21.35 -27.18 13.58
CA ALA C 113 -21.47 -25.97 14.42
C ALA C 113 -20.48 -26.02 15.61
N ARG C 114 -20.27 -27.22 16.15
CA ARG C 114 -19.31 -27.40 17.23
C ARG C 114 -17.88 -27.02 16.79
N CYS C 115 -17.56 -27.30 15.54
CA CYS C 115 -16.30 -26.87 14.93
C CYS C 115 -16.31 -25.36 14.64
N ASP C 116 -17.38 -24.88 14.02
CA ASP C 116 -17.46 -23.49 13.56
C ASP C 116 -17.31 -22.51 14.70
N GLN C 117 -17.95 -22.85 15.82
CA GLN C 117 -17.90 -21.99 16.98
C GLN C 117 -16.46 -21.55 17.28
N TRP C 118 -15.56 -22.54 17.33
CA TRP C 118 -14.17 -22.33 17.71
C TRP C 118 -13.37 -21.72 16.58
N ILE C 119 -13.68 -22.12 15.34
CA ILE C 119 -13.01 -21.54 14.19
C ILE C 119 -13.28 -20.06 14.11
N ASP C 120 -14.54 -19.68 14.23
CA ASP C 120 -14.95 -18.30 14.00
C ASP C 120 -14.55 -17.47 15.21
N TRP C 121 -14.59 -18.07 16.39
CA TRP C 121 -14.18 -17.34 17.61
C TRP C 121 -12.68 -17.08 17.56
N GLN C 122 -11.92 -18.04 17.03
CA GLN C 122 -10.47 -17.86 16.92
C GLN C 122 -10.14 -16.61 16.11
N ALA C 123 -10.86 -16.44 15.00
CA ALA C 123 -10.60 -15.35 14.05
C ALA C 123 -11.14 -13.98 14.54
N SER C 124 -12.24 -13.97 15.28
CA SER C 124 -12.83 -12.67 15.64
C SER C 124 -12.51 -12.21 17.06
N GLU C 125 -12.15 -13.13 17.96
CA GLU C 125 -11.92 -12.76 19.35
C GLU C 125 -10.48 -13.05 19.80
N LEU C 126 -10.04 -14.29 19.63
CA LEU C 126 -8.77 -14.74 20.20
C LEU C 126 -7.62 -14.01 19.51
N ASN C 127 -7.62 -14.04 18.19
CA ASN C 127 -6.62 -13.38 17.36
C ASN C 127 -6.53 -11.89 17.65
N ARG C 128 -7.69 -11.24 17.74
CA ARG C 128 -7.78 -9.84 18.10
C ARG C 128 -7.13 -9.55 19.47
N SER C 129 -7.43 -10.39 20.45
CA SER C 129 -6.94 -10.17 21.80
C SER C 129 -5.42 -10.10 21.92
N TRP C 130 -4.68 -10.83 21.09
CA TRP C 130 -3.22 -10.89 21.30
C TRP C 130 -2.47 -9.80 20.52
N SER C 131 -3.22 -8.97 19.82
CA SER C 131 -2.62 -8.08 18.84
C SER C 131 -1.46 -7.22 19.37
N TYR C 132 -1.73 -6.39 20.38
CA TYR C 132 -0.70 -5.44 20.82
C TYR C 132 0.49 -6.16 21.44
N ALA C 133 0.22 -7.13 22.30
CA ALA C 133 1.31 -7.87 22.93
C ALA C 133 2.19 -8.54 21.88
N PHE C 134 1.56 -9.21 20.90
CA PHE C 134 2.33 -9.95 19.92
C PHE C 134 3.18 -9.00 19.09
N LEU C 135 2.56 -7.90 18.64
CA LEU C 135 3.27 -6.93 17.81
C LEU C 135 4.42 -6.34 18.61
N ALA C 136 4.21 -6.15 19.92
CA ALA C 136 5.24 -5.55 20.76
C ALA C 136 6.39 -6.51 21.03
N LEU C 137 6.06 -7.74 21.38
CA LEU C 137 7.06 -8.65 21.94
C LEU C 137 7.73 -9.54 20.90
N VAL C 138 6.98 -9.98 19.90
CA VAL C 138 7.55 -10.87 18.91
C VAL C 138 8.01 -10.11 17.68
N ARG C 139 7.16 -9.22 17.17
CA ARG C 139 7.47 -8.55 15.93
C ARG C 139 8.34 -7.34 16.23
N GLN C 140 8.58 -7.09 17.51
CA GLN C 140 9.36 -5.94 17.96
C GLN C 140 8.96 -4.65 17.25
N SER C 141 7.65 -4.40 17.23
CA SER C 141 7.09 -3.27 16.52
C SER C 141 7.58 -1.96 17.14
N PRO C 142 8.03 -1.03 16.29
CA PRO C 142 8.51 0.27 16.80
C PRO C 142 7.36 1.10 17.36
N ALA C 143 6.16 0.89 16.83
CA ALA C 143 4.99 1.67 17.22
C ALA C 143 4.14 0.96 18.27
N HIS C 144 4.68 -0.08 18.88
CA HIS C 144 4.00 -0.73 19.99
C HIS C 144 4.94 -0.87 21.17
N ARG C 145 5.23 0.27 21.80
CA ARG C 145 6.16 0.32 22.90
C ARG C 145 5.45 0.65 24.23
N ASP C 146 4.16 0.99 24.17
CA ASP C 146 3.37 1.33 25.37
C ASP C 146 3.22 0.13 26.32
N ALA C 147 4.00 0.12 27.40
CA ALA C 147 3.96 -1.00 28.36
C ALA C 147 2.55 -1.25 28.89
N GLN C 148 1.71 -0.22 28.95
CA GLN C 148 0.33 -0.36 29.43
C GLN C 148 -0.58 -1.11 28.44
N GLN C 149 -0.38 -0.87 27.15
CA GLN C 149 -1.12 -1.60 26.11
C GLN C 149 -0.63 -3.04 26.07
N ILE C 150 0.69 -3.21 26.21
CA ILE C 150 1.28 -4.55 26.13
C ILE C 150 0.65 -5.44 27.18
N GLU C 151 0.57 -4.92 28.40
CA GLU C 151 0.01 -5.65 29.54
C GLU C 151 -1.51 -5.88 29.41
N ALA C 152 -2.24 -4.90 28.88
CA ALA C 152 -3.68 -5.04 28.68
C ALA C 152 -3.98 -6.16 27.70
N SER C 153 -3.20 -6.19 26.63
CA SER C 153 -3.33 -7.23 25.61
C SER C 153 -3.08 -8.60 26.22
N ARG C 154 -2.02 -8.71 27.04
CA ARG C 154 -1.66 -10.01 27.61
C ARG C 154 -2.77 -10.48 28.52
N ALA C 155 -3.26 -9.57 29.35
CA ALA C 155 -4.32 -9.87 30.29
C ALA C 155 -5.58 -10.38 29.56
N ASN C 156 -5.94 -9.70 28.48
CA ASN C 156 -7.13 -10.06 27.73
C ASN C 156 -6.93 -11.41 26.98
N TRP C 157 -5.76 -11.56 26.38
CA TRP C 157 -5.35 -12.81 25.75
C TRP C 157 -5.44 -13.98 26.72
N ALA C 158 -5.00 -13.75 27.94
CA ALA C 158 -5.02 -14.81 28.95
C ALA C 158 -6.43 -15.21 29.31
N LYS C 159 -7.35 -14.25 29.33
CA LYS C 159 -8.75 -14.53 29.65
C LYS C 159 -9.34 -15.39 28.56
N HIS C 160 -8.95 -15.07 27.34
CA HIS C 160 -9.35 -15.92 26.21
C HIS C 160 -8.71 -17.32 26.31
N MET C 161 -7.48 -17.43 26.79
CA MET C 161 -6.89 -18.76 26.87
C MET C 161 -7.54 -19.55 27.98
N ALA C 162 -8.03 -18.87 29.04
CA ALA C 162 -8.73 -19.59 30.09
C ALA C 162 -9.99 -20.25 29.48
N ILE C 163 -10.61 -19.61 28.50
CA ILE C 163 -11.80 -20.19 27.89
C ILE C 163 -11.46 -21.46 27.08
N VAL C 164 -10.37 -21.39 26.32
CA VAL C 164 -9.80 -22.58 25.67
C VAL C 164 -9.53 -23.69 26.66
N GLU C 165 -8.92 -23.35 27.80
CA GLU C 165 -8.60 -24.35 28.81
C GLU C 165 -9.85 -25.04 29.33
N GLY C 166 -10.90 -24.26 29.61
CA GLY C 166 -12.14 -24.83 30.11
C GLY C 166 -12.70 -25.87 29.16
N GLN C 167 -12.65 -25.56 27.87
CA GLN C 167 -13.29 -26.38 26.87
C GLN C 167 -12.53 -27.67 26.76
N LEU C 168 -11.21 -27.60 26.82
CA LEU C 168 -10.39 -28.80 26.73
C LEU C 168 -10.52 -29.67 28.00
N GLN C 169 -10.77 -29.04 29.15
CA GLN C 169 -11.11 -29.79 30.38
C GLN C 169 -12.35 -30.64 30.14
N ARG C 170 -13.32 -30.04 29.46
CA ARG C 170 -14.61 -30.64 29.23
C ARG C 170 -14.54 -31.77 28.21
N THR C 171 -13.87 -31.58 27.08
CA THR C 171 -13.84 -32.65 26.09
C THR C 171 -12.82 -33.70 26.49
N GLY C 172 -11.80 -33.27 27.23
CA GLY C 172 -10.67 -34.14 27.55
C GLY C 172 -9.93 -34.68 26.32
N ALA C 173 -10.17 -34.08 25.16
CA ALA C 173 -9.65 -34.59 23.90
C ALA C 173 -9.25 -33.43 22.94
N PHE C 174 -10.13 -33.12 22.00
CA PHE C 174 -9.89 -32.04 21.05
C PHE C 174 -10.85 -30.87 21.28
N ILE C 175 -10.68 -29.77 20.54
CA ILE C 175 -11.38 -28.54 20.91
C ILE C 175 -12.89 -28.68 20.77
N ALA C 176 -13.31 -29.42 19.75
CA ALA C 176 -14.74 -29.55 19.44
C ALA C 176 -15.35 -30.87 19.95
N GLY C 177 -14.51 -31.79 20.42
CA GLY C 177 -15.02 -33.06 20.90
C GLY C 177 -13.98 -34.17 20.94
N ASP C 178 -14.41 -35.40 20.68
CA ASP C 178 -13.53 -36.59 20.79
C ASP C 178 -12.54 -36.78 19.64
N ALA C 179 -12.80 -36.17 18.50
CA ALA C 179 -11.98 -36.39 17.33
C ALA C 179 -11.34 -35.09 16.86
N PHE C 180 -10.11 -35.22 16.36
CA PHE C 180 -9.41 -34.13 15.72
C PHE C 180 -10.32 -33.57 14.62
N SER C 181 -10.45 -32.25 14.54
CA SER C 181 -11.28 -31.66 13.49
C SER C 181 -10.67 -30.39 12.93
N LEU C 182 -11.38 -29.80 11.98
CA LEU C 182 -10.92 -28.54 11.37
C LEU C 182 -10.68 -27.45 12.42
N ALA C 183 -11.49 -27.44 13.48
CA ALA C 183 -11.38 -26.39 14.49
C ALA C 183 -10.03 -26.47 15.19
N ASP C 184 -9.41 -27.66 15.25
CA ASP C 184 -8.13 -27.76 15.99
C ASP C 184 -7.00 -27.03 15.28
N ILE C 185 -7.17 -26.80 13.98
CA ILE C 185 -6.12 -26.19 13.21
C ILE C 185 -5.92 -24.72 13.60
N PRO C 186 -6.98 -23.88 13.53
CA PRO C 186 -6.74 -22.52 14.03
C PRO C 186 -6.48 -22.46 15.55
N ILE C 187 -7.12 -23.32 16.32
CA ILE C 187 -6.93 -23.25 17.76
C ILE C 187 -5.49 -23.66 18.17
N ALA C 188 -5.00 -24.79 17.66
CA ALA C 188 -3.63 -25.24 18.03
C ALA C 188 -2.59 -24.21 17.59
N LEU C 189 -2.81 -23.64 16.41
CA LEU C 189 -1.88 -22.61 15.92
C LEU C 189 -1.89 -21.40 16.86
N SER C 190 -3.06 -21.07 17.39
CA SER C 190 -3.17 -19.95 18.33
C SER C 190 -2.53 -20.28 19.66
N ILE C 191 -2.74 -21.50 20.13
CA ILE C 191 -2.09 -21.93 21.36
C ILE C 191 -0.57 -21.89 21.23
N ASN C 192 -0.08 -22.34 20.09
CA ASN C 192 1.35 -22.32 19.83
C ASN C 192 1.88 -20.90 19.92
N ARG C 193 1.14 -19.95 19.35
CA ARG C 193 1.57 -18.55 19.39
C ARG C 193 1.67 -18.04 20.85
N TRP C 194 0.71 -18.42 21.68
CA TRP C 194 0.69 -18.05 23.09
C TRP C 194 1.93 -18.64 23.79
N LEU C 195 2.23 -19.91 23.53
CA LEU C 195 3.38 -20.57 24.17
C LEU C 195 4.71 -20.03 23.66
N GLU C 196 4.72 -19.42 22.50
CA GLU C 196 5.98 -18.99 21.91
C GLU C 196 6.24 -17.49 22.07
N THR C 197 5.28 -16.77 22.63
CA THR C 197 5.43 -15.34 22.87
C THR C 197 6.05 -15.20 24.27
N PRO C 198 7.07 -14.32 24.42
CA PRO C 198 7.79 -14.26 25.72
C PRO C 198 6.99 -13.47 26.73
N ILE C 199 6.01 -14.12 27.34
CA ILE C 199 5.16 -13.51 28.33
C ILE C 199 5.05 -14.50 29.45
N ALA C 200 4.83 -13.97 30.66
CA ALA C 200 4.50 -14.79 31.79
C ALA C 200 3.12 -15.36 31.56
N ARG C 201 2.97 -16.67 31.75
CA ARG C 201 1.71 -17.37 31.47
C ARG C 201 1.36 -18.20 32.66
N ASP C 202 0.07 -18.30 32.99
CA ASP C 202 -0.34 -19.21 34.04
C ASP C 202 -0.47 -20.63 33.48
N ASP C 203 -0.49 -21.59 34.40
CA ASP C 203 -0.49 -23.01 34.03
C ASP C 203 -1.84 -23.43 33.51
N LEU C 204 -1.87 -23.96 32.29
CA LEU C 204 -3.11 -24.46 31.70
C LEU C 204 -2.91 -25.93 31.39
N PRO C 205 -3.20 -26.81 32.37
CA PRO C 205 -2.88 -28.25 32.23
C PRO C 205 -3.56 -28.94 31.05
N ALA C 206 -4.82 -28.61 30.74
CA ALA C 206 -5.53 -29.29 29.64
C ALA C 206 -4.96 -28.88 28.28
N VAL C 207 -4.59 -27.60 28.20
CA VAL C 207 -3.92 -27.05 27.03
C VAL C 207 -2.65 -27.83 26.79
N ASP C 208 -1.83 -28.04 27.82
CA ASP C 208 -0.59 -28.77 27.64
C ASP C 208 -0.85 -30.20 27.20
N ALA C 209 -1.80 -30.85 27.87
CA ALA C 209 -2.14 -32.20 27.49
C ALA C 209 -2.58 -32.29 26.02
N TYR C 210 -3.27 -31.26 25.56
CA TYR C 210 -3.83 -31.24 24.20
C TYR C 210 -2.69 -31.07 23.23
N MET C 211 -1.80 -30.14 23.52
CA MET C 211 -0.64 -29.95 22.66
C MET C 211 0.26 -31.21 22.66
N THR C 212 0.36 -31.91 23.78
CA THR C 212 1.10 -33.20 23.78
C THR C 212 0.42 -34.25 22.92
N ARG C 213 -0.89 -34.43 23.12
CA ARG C 213 -1.75 -35.30 22.32
C ARG C 213 -1.58 -35.13 20.80
N LEU C 214 -1.46 -33.88 20.35
CA LEU C 214 -1.36 -33.56 18.92
C LEU C 214 0.00 -33.91 18.33
N ALA C 215 1.00 -34.12 19.19
CA ALA C 215 2.38 -34.42 18.78
C ALA C 215 2.53 -35.53 17.73
N SER C 216 1.61 -36.48 17.71
CA SER C 216 1.71 -37.59 16.77
C SER C 216 1.34 -37.20 15.33
N ARG C 217 0.68 -36.07 15.14
CA ARG C 217 0.26 -35.66 13.81
C ARG C 217 1.43 -34.96 13.08
N ASP C 218 1.87 -35.55 11.98
CA ASP C 218 3.08 -35.06 11.32
C ASP C 218 2.94 -33.59 10.90
N ALA C 219 1.77 -33.20 10.41
CA ALA C 219 1.58 -31.85 9.91
C ALA C 219 1.51 -30.82 11.06
N TYR C 220 1.09 -31.25 12.25
CA TYR C 220 1.15 -30.40 13.46
C TYR C 220 2.57 -30.06 13.80
N ARG C 221 3.45 -31.06 13.71
CA ARG C 221 4.85 -30.84 14.04
C ARG C 221 5.50 -29.98 12.97
N GLU C 222 5.11 -30.18 11.72
CA GLU C 222 5.71 -29.42 10.62
C GLU C 222 5.23 -27.99 10.53
N TYR C 223 3.94 -27.73 10.74
CA TYR C 223 3.39 -26.41 10.45
C TYR C 223 2.92 -25.64 11.67
N CYS C 224 2.79 -26.31 12.81
CA CYS C 224 2.24 -25.68 13.99
C CYS C 224 3.33 -25.55 15.06
N ARG C 225 3.63 -26.65 15.76
CA ARG C 225 4.67 -26.59 16.78
C ARG C 225 6.03 -26.86 16.17
N ASN C 226 6.55 -25.85 15.49
CA ASN C 226 7.83 -25.94 14.81
C ASN C 226 8.80 -24.86 15.25
N GLY C 227 8.46 -24.16 16.33
CA GLY C 227 9.35 -23.15 16.88
C GLY C 227 9.08 -21.73 16.38
N THR C 228 8.18 -21.58 15.41
CA THR C 228 7.76 -20.26 14.97
C THR C 228 6.49 -19.80 15.71
N PRO C 229 6.50 -18.56 16.24
CA PRO C 229 5.33 -18.05 16.96
C PRO C 229 4.14 -17.87 16.02
N MET D 23 19.04 42.79 -4.13
CA MET D 23 17.89 41.85 -4.21
C MET D 23 18.33 40.55 -4.85
N LEU D 24 17.41 39.61 -4.95
CA LEU D 24 17.66 38.35 -5.64
C LEU D 24 17.97 38.64 -7.10
N GLN D 25 19.06 38.07 -7.60
CA GLN D 25 19.42 38.25 -9.00
C GLN D 25 19.22 36.95 -9.79
N ILE D 26 18.59 37.05 -10.94
CA ILE D 26 18.41 35.90 -11.82
C ILE D 26 19.07 36.17 -13.15
N LEU D 27 19.99 35.29 -13.54
CA LEU D 27 20.69 35.33 -14.82
C LEU D 27 20.06 34.35 -15.83
N GLY D 28 19.74 34.84 -17.02
CA GLY D 28 19.23 34.03 -18.11
C GLY D 28 18.18 34.74 -18.94
N LYS D 29 17.97 34.26 -20.17
CA LYS D 29 16.98 34.87 -21.06
C LYS D 29 15.58 34.61 -20.56
N PRO D 30 14.70 35.63 -20.70
CA PRO D 30 13.34 35.58 -20.16
C PRO D 30 12.42 34.66 -20.94
N THR D 31 12.90 34.18 -22.09
CA THR D 31 12.15 33.26 -22.92
C THR D 31 12.50 31.79 -22.63
N SER D 32 13.62 31.53 -21.95
CA SER D 32 13.96 30.16 -21.59
C SER D 32 12.90 29.53 -20.68
N ILE D 33 12.50 28.30 -20.97
CA ILE D 33 11.50 27.66 -20.14
C ILE D 33 12.03 27.52 -18.71
N ASN D 34 13.32 27.25 -18.58
CA ASN D 34 13.88 27.01 -17.24
C ASN D 34 14.06 28.29 -16.42
N VAL D 35 14.38 29.40 -17.08
CA VAL D 35 14.31 30.71 -16.46
C VAL D 35 12.88 31.06 -16.04
N ARG D 36 11.90 30.79 -16.90
CA ARG D 36 10.53 31.09 -16.58
C ARG D 36 10.03 30.28 -15.36
N LYS D 37 10.57 29.08 -15.14
CA LYS D 37 10.20 28.35 -13.93
C LYS D 37 10.57 29.22 -12.70
N VAL D 38 11.71 29.89 -12.79
CA VAL D 38 12.27 30.63 -11.65
C VAL D 38 11.52 31.91 -11.42
N LEU D 39 11.26 32.64 -12.51
CA LEU D 39 10.51 33.90 -12.46
C LEU D 39 9.11 33.66 -11.89
N TRP D 40 8.42 32.68 -12.44
CA TRP D 40 7.07 32.36 -11.99
C TRP D 40 7.08 32.05 -10.48
N THR D 41 7.98 31.17 -10.06
CA THR D 41 8.13 30.84 -8.66
C THR D 41 8.34 32.09 -7.81
N CYS D 42 9.23 32.99 -8.24
CA CYS D 42 9.47 34.21 -7.47
C CYS D 42 8.18 35.01 -7.36
N ALA D 43 7.44 35.12 -8.46
CA ALA D 43 6.22 35.90 -8.42
C ALA D 43 5.18 35.26 -7.53
N GLU D 44 5.07 33.93 -7.56
CA GLU D 44 4.09 33.28 -6.66
C GLU D 44 4.47 33.54 -5.20
N LEU D 45 5.75 33.50 -4.91
CA LEU D 45 6.15 33.56 -3.49
C LEU D 45 6.04 34.96 -2.94
N GLY D 46 6.06 35.96 -3.82
CA GLY D 46 6.11 37.34 -3.41
C GLY D 46 7.54 37.79 -3.14
N LEU D 47 8.49 37.38 -3.97
CA LEU D 47 9.88 37.82 -3.84
C LEU D 47 10.21 38.95 -4.80
N ALA D 48 10.96 39.93 -4.31
CA ALA D 48 11.53 40.96 -5.16
C ALA D 48 12.71 40.35 -5.92
N PHE D 49 12.80 40.60 -7.22
CA PHE D 49 13.93 40.09 -8.03
C PHE D 49 14.26 40.95 -9.24
N GLU D 50 15.48 40.82 -9.74
CA GLU D 50 16.00 41.49 -10.94
C GLU D 50 16.44 40.38 -11.86
N ARG D 51 16.00 40.39 -13.12
CA ARG D 51 16.54 39.45 -14.12
C ARG D 51 17.47 40.16 -15.10
N GLU D 52 18.64 39.57 -15.36
CA GLU D 52 19.59 40.14 -16.31
C GLU D 52 20.01 39.16 -17.41
N VAL D 75 20.34 28.30 -19.10
CA VAL D 75 20.52 27.91 -17.70
C VAL D 75 20.33 29.14 -16.84
N PRO D 76 19.32 29.08 -15.94
CA PRO D 76 19.24 30.14 -14.93
C PRO D 76 20.26 29.92 -13.82
N VAL D 77 20.79 31.03 -13.34
CA VAL D 77 21.63 31.01 -12.15
C VAL D 77 21.02 32.08 -11.26
N ILE D 78 20.88 31.81 -9.97
CA ILE D 78 20.46 32.88 -9.09
C ILE D 78 21.60 33.23 -8.14
N ARG D 79 21.67 34.52 -7.79
CA ARG D 79 22.47 34.95 -6.64
C ARG D 79 21.54 35.48 -5.58
N ASP D 80 21.67 34.96 -4.36
CA ASP D 80 20.84 35.37 -3.24
C ASP D 80 21.80 35.68 -2.10
N GLY D 81 22.17 36.95 -1.97
CA GLY D 81 23.27 37.33 -1.09
C GLY D 81 24.58 36.81 -1.62
N ASP D 82 25.32 36.04 -0.82
CA ASP D 82 26.53 35.40 -1.33
C ASP D 82 26.27 33.96 -1.78
N PHE D 83 25.00 33.59 -1.89
CA PHE D 83 24.66 32.22 -2.24
C PHE D 83 24.32 32.12 -3.73
N VAL D 84 25.09 31.31 -4.46
CA VAL D 84 24.86 31.13 -5.88
C VAL D 84 24.42 29.73 -6.17
N LEU D 85 23.36 29.60 -6.96
CA LEU D 85 22.70 28.32 -7.17
C LEU D 85 22.28 28.25 -8.62
N TRP D 86 22.52 27.11 -9.24
CA TRP D 86 22.00 26.86 -10.58
C TRP D 86 21.21 25.55 -10.58
N GLU D 87 20.73 25.17 -11.76
CA GLU D 87 19.78 24.05 -11.90
C GLU D 87 18.35 24.48 -11.49
N SER D 88 17.51 24.64 -12.51
CA SER D 88 16.18 25.29 -12.32
C SER D 88 15.26 24.63 -11.28
N ASN D 89 15.15 23.31 -11.28
CA ASN D 89 14.25 22.69 -10.31
C ASN D 89 14.82 22.83 -8.89
N SER D 90 16.14 22.83 -8.76
CA SER D 90 16.77 23.01 -7.46
C SER D 90 16.57 24.44 -6.97
N ILE D 91 16.66 25.39 -7.89
CA ILE D 91 16.41 26.78 -7.57
C ILE D 91 14.97 26.99 -7.07
N ILE D 92 13.98 26.45 -7.77
CA ILE D 92 12.62 26.70 -7.33
C ILE D 92 12.29 26.00 -6.01
N ARG D 93 12.86 24.82 -5.80
CA ARG D 93 12.74 24.16 -4.52
C ARG D 93 13.38 25.03 -3.42
N TYR D 94 14.52 25.62 -3.70
CA TYR D 94 15.21 26.47 -2.70
C TYR D 94 14.37 27.69 -2.35
N LEU D 95 13.84 28.37 -3.37
CA LEU D 95 13.02 29.58 -3.13
C LEU D 95 11.81 29.24 -2.26
N ALA D 96 11.13 28.16 -2.59
CA ALA D 96 9.94 27.75 -1.83
C ALA D 96 10.28 27.33 -0.39
N GLY D 97 11.46 26.75 -0.18
CA GLY D 97 11.86 26.33 1.15
C GLY D 97 12.32 27.52 1.99
N ARG D 98 12.93 28.49 1.33
CA ARG D 98 13.55 29.61 1.99
C ARG D 98 12.55 30.73 2.26
N TYR D 99 11.60 30.95 1.35
CA TYR D 99 10.79 32.16 1.38
C TYR D 99 9.34 31.98 1.71
N GLY D 100 9.06 31.29 2.81
CA GLY D 100 7.67 31.15 3.26
C GLY D 100 6.76 30.41 2.29
N GLY D 101 7.33 29.46 1.57
CA GLY D 101 6.62 28.75 0.53
C GLY D 101 6.07 27.38 0.91
N GLU D 102 5.90 27.14 2.21
CA GLU D 102 5.36 25.85 2.64
C GLU D 102 3.95 25.61 2.09
N TRP D 103 3.29 26.71 1.69
CA TRP D 103 1.93 26.65 1.12
C TRP D 103 2.01 26.11 -0.29
N LEU D 104 3.17 26.27 -0.93
CA LEU D 104 3.38 25.93 -2.32
C LEU D 104 4.10 24.59 -2.46
N TYR D 105 5.02 24.33 -1.53
CA TYR D 105 5.86 23.14 -1.52
C TYR D 105 5.86 22.60 -0.10
N PRO D 106 4.84 21.80 0.23
CA PRO D 106 4.59 21.37 1.62
C PRO D 106 5.70 20.55 2.20
N ALA D 107 5.92 20.69 3.51
CA ALA D 107 7.04 20.00 4.14
C ALA D 107 6.75 18.51 4.44
N ASP D 108 5.47 18.15 4.59
CA ASP D 108 5.09 16.78 4.89
C ASP D 108 5.64 15.85 3.81
N ALA D 109 6.32 14.75 4.20
CA ALA D 109 7.11 13.97 3.23
C ALA D 109 6.28 13.37 2.09
N ARG D 110 5.09 12.84 2.38
CA ARG D 110 4.23 12.29 1.33
C ARG D 110 3.62 13.35 0.43
N GLU D 111 3.23 14.48 1.00
CA GLU D 111 2.69 15.57 0.18
C GLU D 111 3.84 16.10 -0.71
N ARG D 112 5.02 16.25 -0.12
CA ARG D 112 6.16 16.71 -0.89
C ARG D 112 6.52 15.70 -1.99
N ALA D 113 6.39 14.40 -1.72
CA ALA D 113 6.74 13.40 -2.74
C ALA D 113 5.79 13.50 -3.94
N ARG D 114 4.52 13.80 -3.67
CA ARG D 114 3.52 13.90 -4.75
C ARG D 114 3.89 15.04 -5.69
N CYS D 115 4.41 16.11 -5.12
CA CYS D 115 5.00 17.22 -5.90
C CYS D 115 6.27 16.78 -6.65
N ASP D 116 7.23 16.21 -5.92
CA ASP D 116 8.54 15.88 -6.48
C ASP D 116 8.43 14.95 -7.68
N GLN D 117 7.53 13.98 -7.59
CA GLN D 117 7.36 13.03 -8.68
C GLN D 117 7.26 13.75 -10.04
N TRP D 118 6.34 14.71 -10.10
CA TRP D 118 6.04 15.42 -11.34
C TRP D 118 7.15 16.43 -11.64
N ILE D 119 7.72 17.05 -10.61
CA ILE D 119 8.82 17.97 -10.86
C ILE D 119 10.00 17.23 -11.46
N ASP D 120 10.39 16.12 -10.86
CA ASP D 120 11.57 15.42 -11.32
C ASP D 120 11.34 14.74 -12.67
N TRP D 121 10.15 14.17 -12.88
CA TRP D 121 9.82 13.51 -14.16
C TRP D 121 9.77 14.54 -15.29
N GLN D 122 9.30 15.74 -14.98
CA GLN D 122 9.28 16.81 -15.99
C GLN D 122 10.68 17.07 -16.51
N ALA D 123 11.66 17.05 -15.62
CA ALA D 123 13.04 17.35 -15.99
C ALA D 123 13.79 16.19 -16.62
N SER D 124 13.46 14.97 -16.21
CA SER D 124 14.26 13.81 -16.66
C SER D 124 13.59 13.13 -17.83
N GLU D 125 12.29 13.27 -17.96
CA GLU D 125 11.59 12.49 -19.01
C GLU D 125 10.84 13.38 -20.00
N LEU D 126 9.93 14.21 -19.49
CA LEU D 126 9.08 15.03 -20.38
C LEU D 126 9.94 15.94 -21.26
N ASN D 127 10.79 16.72 -20.62
CA ASN D 127 11.67 17.65 -21.32
C ASN D 127 12.54 16.98 -22.37
N ARG D 128 13.02 15.78 -22.06
CA ARG D 128 13.86 15.00 -22.94
C ARG D 128 13.06 14.54 -24.16
N SER D 129 11.79 14.21 -23.98
CA SER D 129 10.99 13.69 -25.08
C SER D 129 10.78 14.69 -26.21
N TRP D 130 10.65 15.98 -25.87
CA TRP D 130 10.31 16.97 -26.89
C TRP D 130 11.52 17.53 -27.64
N SER D 131 12.70 17.10 -27.23
CA SER D 131 13.91 17.76 -27.71
C SER D 131 13.95 17.94 -29.23
N TYR D 132 13.95 16.85 -29.98
CA TYR D 132 14.14 16.96 -31.42
C TYR D 132 13.04 17.80 -32.07
N ALA D 133 11.77 17.51 -31.77
CA ALA D 133 10.67 18.24 -32.40
C ALA D 133 10.76 19.71 -32.09
N PHE D 134 11.05 20.02 -30.85
CA PHE D 134 11.07 21.41 -30.46
C PHE D 134 12.19 22.14 -31.20
N LEU D 135 13.36 21.51 -31.28
CA LEU D 135 14.50 22.17 -31.91
C LEU D 135 14.23 22.36 -33.38
N ALA D 136 13.56 21.39 -33.98
CA ALA D 136 13.35 21.42 -35.43
C ALA D 136 12.30 22.46 -35.80
N LEU D 137 11.21 22.46 -35.04
CA LEU D 137 10.02 23.21 -35.43
C LEU D 137 9.98 24.62 -34.87
N VAL D 138 10.45 24.80 -33.64
CA VAL D 138 10.37 26.11 -33.01
C VAL D 138 11.69 26.87 -33.13
N ARG D 139 12.80 26.21 -32.82
CA ARG D 139 14.09 26.88 -32.90
C ARG D 139 14.53 26.88 -34.35
N GLN D 140 13.90 26.04 -35.17
CA GLN D 140 14.25 25.93 -36.57
C GLN D 140 15.75 25.73 -36.76
N SER D 141 16.32 24.87 -35.91
CA SER D 141 17.72 24.50 -36.06
C SER D 141 17.89 23.79 -37.39
N PRO D 142 18.95 24.16 -38.12
CA PRO D 142 19.26 23.49 -39.38
C PRO D 142 19.84 22.09 -39.13
N ALA D 143 20.47 21.92 -37.97
CA ALA D 143 21.03 20.62 -37.60
C ALA D 143 19.95 19.59 -37.19
N HIS D 144 18.68 20.00 -37.24
CA HIS D 144 17.56 19.10 -36.86
C HIS D 144 16.45 19.13 -37.89
N ARG D 145 16.65 18.43 -39.00
CA ARG D 145 15.70 18.49 -40.11
C ARG D 145 15.22 17.10 -40.58
N ASP D 146 15.63 16.04 -39.88
CA ASP D 146 15.22 14.66 -40.18
C ASP D 146 13.75 14.39 -39.81
N ALA D 147 12.89 14.24 -40.82
CA ALA D 147 11.45 14.15 -40.59
C ALA D 147 11.05 12.96 -39.71
N GLN D 148 11.78 11.85 -39.82
CA GLN D 148 11.48 10.67 -39.02
C GLN D 148 11.84 10.90 -37.55
N GLN D 149 12.93 11.63 -37.32
CA GLN D 149 13.34 11.98 -35.96
C GLN D 149 12.34 12.98 -35.37
N ILE D 150 11.93 13.97 -36.16
CA ILE D 150 10.97 14.96 -35.70
C ILE D 150 9.68 14.25 -35.26
N GLU D 151 9.24 13.32 -36.10
CA GLU D 151 7.99 12.60 -35.87
C GLU D 151 8.10 11.65 -34.68
N ALA D 152 9.28 11.05 -34.49
CA ALA D 152 9.50 10.14 -33.38
C ALA D 152 9.50 10.89 -32.06
N SER D 153 10.13 12.07 -32.06
CA SER D 153 10.08 12.95 -30.90
C SER D 153 8.63 13.33 -30.56
N ARG D 154 7.87 13.77 -31.58
CA ARG D 154 6.48 14.15 -31.35
C ARG D 154 5.72 12.98 -30.74
N ALA D 155 5.91 11.79 -31.30
CA ALA D 155 5.16 10.62 -30.85
C ALA D 155 5.47 10.34 -29.37
N ASN D 156 6.73 10.43 -29.01
CA ASN D 156 7.15 10.10 -27.67
C ASN D 156 6.62 11.18 -26.70
N TRP D 157 6.73 12.43 -27.14
CA TRP D 157 6.20 13.58 -26.39
C TRP D 157 4.72 13.38 -26.14
N ALA D 158 3.98 13.00 -27.19
CA ALA D 158 2.53 12.74 -27.07
C ALA D 158 2.24 11.66 -26.02
N LYS D 159 3.05 10.60 -25.99
CA LYS D 159 2.85 9.54 -25.01
C LYS D 159 3.07 10.09 -23.59
N HIS D 160 4.06 10.97 -23.45
CA HIS D 160 4.28 11.61 -22.14
C HIS D 160 3.09 12.53 -21.78
N MET D 161 2.55 13.24 -22.76
CA MET D 161 1.40 14.10 -22.50
C MET D 161 0.14 13.33 -22.10
N ALA D 162 0.00 12.11 -22.62
CA ALA D 162 -1.12 11.27 -22.24
C ALA D 162 -1.03 10.93 -20.76
N ILE D 163 0.19 10.86 -20.23
CA ILE D 163 0.39 10.56 -18.83
C ILE D 163 0.00 11.78 -17.98
N VAL D 164 0.40 12.96 -18.41
CA VAL D 164 -0.10 14.19 -17.76
C VAL D 164 -1.64 14.25 -17.77
N GLU D 165 -2.25 13.93 -18.90
CA GLU D 165 -3.71 13.90 -19.01
C GLU D 165 -4.37 12.92 -18.01
N GLY D 166 -3.81 11.71 -17.91
CA GLY D 166 -4.40 10.75 -17.00
C GLY D 166 -4.33 11.29 -15.57
N GLN D 167 -3.22 11.94 -15.25
CA GLN D 167 -3.05 12.43 -13.88
C GLN D 167 -4.08 13.50 -13.57
N LEU D 168 -4.29 14.41 -14.54
CA LEU D 168 -5.23 15.50 -14.33
C LEU D 168 -6.68 15.00 -14.34
N GLN D 169 -6.96 13.93 -15.06
CA GLN D 169 -8.27 13.30 -14.97
C GLN D 169 -8.52 12.80 -13.55
N ARG D 170 -7.53 12.15 -12.95
CA ARG D 170 -7.63 11.63 -11.59
C ARG D 170 -7.85 12.76 -10.56
N THR D 171 -7.00 13.77 -10.57
CA THR D 171 -7.14 14.82 -9.56
C THR D 171 -8.31 15.77 -9.85
N GLY D 172 -8.67 15.94 -11.12
CA GLY D 172 -9.64 16.95 -11.50
C GLY D 172 -9.31 18.36 -11.02
N ALA D 173 -8.05 18.58 -10.68
CA ALA D 173 -7.61 19.86 -10.14
C ALA D 173 -6.21 20.23 -10.65
N PHE D 174 -5.20 20.01 -9.82
CA PHE D 174 -3.83 20.36 -10.16
C PHE D 174 -2.99 19.10 -10.29
N ILE D 175 -1.72 19.21 -10.67
CA ILE D 175 -0.99 18.01 -11.05
C ILE D 175 -0.79 17.04 -9.89
N ALA D 176 -0.53 17.56 -8.69
CA ALA D 176 -0.27 16.71 -7.53
C ALA D 176 -1.48 16.51 -6.60
N GLY D 177 -2.61 17.17 -6.90
CA GLY D 177 -3.73 17.12 -5.97
C GLY D 177 -4.65 18.32 -6.07
N ASP D 178 -5.25 18.69 -4.95
CA ASP D 178 -6.33 19.69 -4.91
C ASP D 178 -5.87 21.13 -4.92
N ALA D 179 -4.60 21.39 -4.67
CA ALA D 179 -4.15 22.76 -4.52
C ALA D 179 -2.98 23.01 -5.46
N PHE D 180 -2.90 24.21 -6.00
CA PHE D 180 -1.76 24.61 -6.79
C PHE D 180 -0.50 24.34 -5.97
N SER D 181 0.53 23.77 -6.59
CA SER D 181 1.79 23.53 -5.93
C SER D 181 2.98 23.80 -6.86
N LEU D 182 4.17 23.61 -6.30
CA LEU D 182 5.41 23.89 -7.01
C LEU D 182 5.46 23.05 -8.27
N ALA D 183 4.88 21.87 -8.19
CA ALA D 183 4.90 20.95 -9.33
C ALA D 183 4.19 21.52 -10.54
N ASP D 184 3.14 22.34 -10.33
CA ASP D 184 2.40 22.87 -11.46
C ASP D 184 3.26 23.83 -12.26
N ILE D 185 4.34 24.34 -11.67
CA ILE D 185 5.12 25.33 -12.38
C ILE D 185 5.86 24.67 -13.54
N PRO D 186 6.67 23.63 -13.27
CA PRO D 186 7.31 23.00 -14.44
C PRO D 186 6.31 22.31 -15.38
N ILE D 187 5.24 21.76 -14.82
CA ILE D 187 4.29 21.01 -15.64
C ILE D 187 3.47 21.97 -16.55
N ALA D 188 2.97 23.09 -16.03
CA ALA D 188 2.19 24.04 -16.87
C ALA D 188 3.07 24.67 -17.95
N LEU D 189 4.33 24.95 -17.62
CA LEU D 189 5.25 25.50 -18.63
C LEU D 189 5.48 24.46 -19.71
N SER D 190 5.53 23.19 -19.35
CA SER D 190 5.78 22.15 -20.34
C SER D 190 4.58 22.02 -21.26
N ILE D 191 3.40 22.01 -20.67
CA ILE D 191 2.17 21.99 -21.45
C ILE D 191 2.05 23.17 -22.38
N ASN D 192 2.37 24.36 -21.88
CA ASN D 192 2.40 25.53 -22.73
C ASN D 192 3.30 25.31 -23.95
N ARG D 193 4.46 24.69 -23.72
CA ARG D 193 5.37 24.35 -24.84
C ARG D 193 4.69 23.44 -25.86
N TRP D 194 4.01 22.39 -25.39
CA TRP D 194 3.22 21.48 -26.25
C TRP D 194 2.19 22.25 -27.10
N LEU D 195 1.40 23.11 -26.45
CA LEU D 195 0.34 23.85 -27.14
C LEU D 195 0.86 24.93 -28.11
N GLU D 196 2.06 25.44 -27.92
CA GLU D 196 2.59 26.49 -28.79
C GLU D 196 3.52 25.97 -29.85
N THR D 197 3.90 24.71 -29.79
CA THR D 197 4.71 24.11 -30.84
C THR D 197 3.76 23.66 -31.96
N PRO D 198 4.16 23.92 -33.21
CA PRO D 198 3.30 23.69 -34.39
C PRO D 198 3.28 22.23 -34.80
N ILE D 199 2.55 21.42 -34.03
CA ILE D 199 2.48 19.98 -34.24
C ILE D 199 1.01 19.62 -34.17
N ALA D 200 0.62 18.51 -34.78
CA ALA D 200 -0.75 18.02 -34.65
C ALA D 200 -0.86 17.34 -33.29
N ARG D 201 -1.98 17.53 -32.61
CA ARG D 201 -2.13 17.02 -31.25
C ARG D 201 -3.48 16.36 -31.06
N ASP D 202 -3.51 15.26 -30.31
CA ASP D 202 -4.77 14.68 -29.88
C ASP D 202 -5.40 15.60 -28.87
N ASP D 203 -6.73 15.58 -28.82
CA ASP D 203 -7.48 16.32 -27.81
C ASP D 203 -7.20 15.77 -26.41
N LEU D 204 -6.82 16.65 -25.49
CA LEU D 204 -6.54 16.28 -24.11
C LEU D 204 -7.38 17.20 -23.23
N PRO D 205 -8.64 16.79 -22.93
CA PRO D 205 -9.58 17.71 -22.29
C PRO D 205 -9.22 18.12 -20.86
N ALA D 206 -8.67 17.22 -20.06
CA ALA D 206 -8.34 17.58 -18.68
C ALA D 206 -7.17 18.57 -18.66
N VAL D 207 -6.25 18.41 -19.61
CA VAL D 207 -5.17 19.34 -19.82
C VAL D 207 -5.75 20.72 -20.11
N ASP D 208 -6.68 20.81 -21.06
CA ASP D 208 -7.27 22.11 -21.40
C ASP D 208 -7.96 22.75 -20.20
N ALA D 209 -8.71 21.92 -19.48
CA ALA D 209 -9.42 22.40 -18.31
C ALA D 209 -8.44 22.93 -17.26
N TYR D 210 -7.34 22.23 -17.11
CA TYR D 210 -6.30 22.65 -16.20
C TYR D 210 -5.66 23.98 -16.60
N MET D 211 -5.36 24.17 -17.88
CA MET D 211 -4.73 25.42 -18.29
C MET D 211 -5.77 26.56 -18.20
N THR D 212 -7.04 26.27 -18.42
CA THR D 212 -8.07 27.29 -18.18
C THR D 212 -8.13 27.69 -16.70
N ARG D 213 -8.10 26.70 -15.81
CA ARG D 213 -8.18 26.89 -14.37
C ARG D 213 -7.04 27.79 -13.87
N LEU D 214 -5.88 27.66 -14.50
CA LEU D 214 -4.70 28.39 -14.07
C LEU D 214 -4.74 29.84 -14.49
N ALA D 215 -5.66 30.17 -15.42
CA ALA D 215 -5.74 31.50 -16.04
C ALA D 215 -5.88 32.63 -15.03
N SER D 216 -6.48 32.35 -13.89
CA SER D 216 -6.68 33.36 -12.86
C SER D 216 -5.40 33.74 -12.12
N ARG D 217 -4.34 32.94 -12.22
CA ARG D 217 -3.11 33.26 -11.50
C ARG D 217 -2.31 34.25 -12.34
N ASP D 218 -2.04 35.44 -11.80
CA ASP D 218 -1.38 36.49 -12.57
C ASP D 218 -0.01 36.05 -13.11
N ALA D 219 0.75 35.31 -12.30
CA ALA D 219 2.11 34.97 -12.70
C ALA D 219 2.11 33.93 -13.81
N TYR D 220 1.08 33.08 -13.84
CA TYR D 220 0.88 32.14 -14.94
C TYR D 220 0.65 32.85 -16.27
N ARG D 221 -0.16 33.91 -16.27
CA ARG D 221 -0.41 34.63 -17.51
C ARG D 221 0.84 35.38 -17.92
N GLU D 222 1.61 35.85 -16.95
CA GLU D 222 2.76 36.66 -17.27
C GLU D 222 3.96 35.83 -17.76
N TYR D 223 4.22 34.68 -17.10
CA TYR D 223 5.42 33.92 -17.38
C TYR D 223 5.23 32.57 -18.12
N CYS D 224 4.01 32.05 -18.13
CA CYS D 224 3.75 30.74 -18.70
C CYS D 224 2.92 30.88 -19.99
N ARG D 225 1.63 31.13 -19.87
CA ARG D 225 0.79 31.27 -21.08
C ARG D 225 0.81 32.71 -21.61
N ASN D 226 1.94 33.04 -22.23
CA ASN D 226 2.21 34.40 -22.69
C ASN D 226 2.60 34.47 -24.16
N GLY D 227 2.31 33.41 -24.91
CA GLY D 227 2.64 33.38 -26.33
C GLY D 227 4.00 32.81 -26.67
N THR D 228 4.87 32.67 -25.67
CA THR D 228 6.21 32.12 -25.92
C THR D 228 6.20 30.61 -25.70
N PRO D 229 6.67 29.84 -26.69
CA PRO D 229 6.76 28.39 -26.53
C PRO D 229 7.71 28.00 -25.39
#